data_8VZ9
#
_entry.id   8VZ9
#
_cell.length_a   64.531
_cell.length_b   84.259
_cell.length_c   177.584
_cell.angle_alpha   90.00
_cell.angle_beta   90.00
_cell.angle_gamma   90.00
#
_symmetry.space_group_name_H-M   'P 2 21 21'
#
loop_
_entity.id
_entity.type
_entity.pdbx_description
1 polymer 'Major histocompatibility complex class I-related gene protein'
2 polymer Beta-2-microglobulin
3 polymer 'Mouse MAIT TRAV1-TRAJ33 a-chain'
4 polymer 'Mouse MAIT MBV13-2A b-chain'
5 non-polymer GLYCEROL
6 non-polymer 1-deoxy-1-({2,6-dioxo-5-[(E)-propylideneamino]-1,2,3,6-tetrahydropyrimidin-4-yl}amino)-D-ribitol
#
loop_
_entity_poly.entity_id
_entity_poly.type
_entity_poly.pdbx_seq_one_letter_code
_entity_poly.pdbx_strand_id
1 'polypeptide(L)'
;TRTHSLRYFRLAVSDPGPVVPEFISVGYVDSHPITTYDSVTRQKEPKAPWMAENLAPDHWERYTQLLRGWQQTFKAELRH
LQRHYNHSGLHTYQRMIGCELLEDGSTTGFLQYAYDGQDFIIFNKDTLSWLAMDYVAHITKQAWEANLHELQYQKNWLEE
ECIAWLKRFLEYGRDTLERTEHPVVRTTRKETFPGITTFFCRAHGFYPPEISMTWMKNGEEIAQEVDYGGVLPSGDGTYQ
TWLSVNLDPQSNDVYSCHVEHSGRQMVLEAP
;
A
2 'polypeptide(L)'
;AIQKTPQIQVYSRHPPENGKPNILNCYVTQFHPPHIEIQMLKNGKKIPKVEMSDMSFSKDWSFYILAHTEFTPTETDTYA
CRVKHASMAEPKTVYWDRDM
;
B
3 'polypeptide(L)'
;MGQGVEQPAKLMSVEGTFARVNCTYSTSGFNGLSWYQQREGQAPVFLSYVVLDGLKDSGHFSTFLSRSNGYSYLLLTELQ
IKDSASYLCAVRDSNYQLIWGSGTKLIIKPNIQNPDPAVYQLRDSKSSDKSVCLFTDFDSQTNVSQSKDSDVYITDKCVL
DMRSMDFKSNSAVAWSNKSDFACANAFNNSIIPEDTFFPSPESS
;
C
4 'polypeptide(L)'
;MEAAVTQSPRNKVAVTGGKVTLSCNQTNNHNNMYWYRQDTGHGLRLIHYSYGAGSTEKGDIPDGYKASRPSQENFSLILE
LATPSQTSVYFCASGDAKLGVGAETLYFGSGTRLTVLEDLNKVFPPEVAVFEPSEAEISHTQKATLVCLATGFFPDHVEL
SWWVNGKEVHSGVCTDPQPLKEQPALNDSYALSSRLRVSATFWQNPRNHFRCQVQFYGLSENDEWTQDRAKPVTQIVSAE
AWGRAD
;
D
#
# COMPACT_ATOMS: atom_id res chain seq x y z
N ARG A 2 -24.08 11.48 23.38
CA ARG A 2 -22.64 11.29 23.44
C ARG A 2 -22.01 11.44 22.06
N THR A 3 -20.71 11.18 21.98
CA THR A 3 -19.97 11.22 20.73
C THR A 3 -18.59 10.61 20.97
N HIS A 4 -18.07 9.95 19.94
CA HIS A 4 -16.74 9.35 19.98
C HIS A 4 -16.00 9.71 18.71
N SER A 5 -14.70 9.93 18.82
CA SER A 5 -13.89 10.40 17.70
C SER A 5 -12.54 9.71 17.70
N LEU A 6 -11.95 9.62 16.51
CA LEU A 6 -10.60 9.12 16.31
C LEU A 6 -9.87 10.07 15.39
N ARG A 7 -8.76 10.64 15.86
CA ARG A 7 -8.02 11.64 15.12
C ARG A 7 -6.54 11.26 15.06
N TYR A 8 -5.92 11.53 13.91
CA TYR A 8 -4.49 11.32 13.73
C TYR A 8 -3.87 12.62 13.22
N PHE A 9 -3.13 13.30 14.08
CA PHE A 9 -2.42 14.51 13.69
C PHE A 9 -1.02 14.18 13.17
N ARG A 10 -0.49 15.10 12.35
CA ARG A 10 0.88 15.03 11.88
C ARG A 10 1.48 16.43 11.90
N LEU A 11 2.75 16.51 12.31
CA LEU A 11 3.47 17.78 12.39
C LEU A 11 4.79 17.67 11.66
N ALA A 12 5.16 18.74 10.97
CA ALA A 12 6.48 18.84 10.34
C ALA A 12 7.02 20.24 10.57
N VAL A 13 8.19 20.32 11.20
CA VAL A 13 8.88 21.58 11.42
C VAL A 13 10.16 21.57 10.59
N SER A 14 10.57 22.77 10.17
CA SER A 14 11.81 22.93 9.40
C SER A 14 13.01 23.20 10.29
N ASP A 15 12.92 22.90 11.58
CA ASP A 15 14.04 23.06 12.51
C ASP A 15 13.84 22.11 13.67
N PRO A 16 14.41 20.91 13.59
CA PRO A 16 14.22 19.91 14.65
C PRO A 16 14.92 20.29 15.94
N GLY A 17 14.42 21.31 16.64
CA GLY A 17 15.03 21.75 17.87
C GLY A 17 14.74 20.81 19.03
N PRO A 18 15.27 21.14 20.21
CA PRO A 18 15.04 20.28 21.38
C PRO A 18 13.58 20.29 21.80
N VAL A 19 13.10 19.10 22.17
CA VAL A 19 11.74 18.86 22.71
C VAL A 19 10.69 19.03 21.61
N VAL A 20 11.14 19.25 20.37
CA VAL A 20 10.24 19.29 19.22
C VAL A 20 10.92 18.56 18.06
N PRO A 21 10.52 17.34 17.76
CA PRO A 21 11.12 16.60 16.65
C PRO A 21 10.73 17.18 15.30
N GLU A 22 11.44 16.74 14.27
CA GLU A 22 11.14 17.19 12.92
C GLU A 22 9.76 16.73 12.46
N PHE A 23 9.40 15.48 12.79
CA PHE A 23 8.12 14.91 12.40
C PHE A 23 7.47 14.23 13.59
N ILE A 24 6.23 14.57 13.89
CA ILE A 24 5.46 13.98 14.97
C ILE A 24 4.11 13.52 14.43
N SER A 25 3.65 12.37 14.92
CA SER A 25 2.32 11.87 14.55
C SER A 25 1.74 11.16 15.75
N VAL A 26 0.65 11.70 16.31
CA VAL A 26 0.01 11.16 17.51
C VAL A 26 -1.47 10.97 17.22
N GLY A 27 -1.98 9.77 17.52
CA GLY A 27 -3.40 9.50 17.40
C GLY A 27 -4.14 9.69 18.71
N TYR A 28 -5.40 10.10 18.61
CA TYR A 28 -6.24 10.37 19.78
C TYR A 28 -7.58 9.67 19.61
N VAL A 29 -8.12 9.20 20.74
CA VAL A 29 -9.47 8.65 20.81
C VAL A 29 -10.17 9.32 21.98
N ASP A 30 -11.22 10.08 21.69
CA ASP A 30 -11.96 10.85 22.70
C ASP A 30 -11.00 11.73 23.51
N SER A 31 -10.11 12.42 22.80
CA SER A 31 -9.10 13.30 23.40
C SER A 31 -8.17 12.56 24.35
N HIS A 32 -7.93 11.27 24.09
CA HIS A 32 -7.00 10.48 24.86
C HIS A 32 -5.89 9.99 23.95
N PRO A 33 -4.63 10.22 24.28
CA PRO A 33 -3.53 9.72 23.44
C PRO A 33 -3.54 8.19 23.39
N ILE A 34 -3.39 7.64 22.19
CA ILE A 34 -3.33 6.21 21.97
C ILE A 34 -2.02 5.80 21.31
N THR A 35 -1.57 6.57 20.32
CA THR A 35 -0.39 6.22 19.54
C THR A 35 0.56 7.41 19.48
N THR A 36 1.82 7.11 19.16
CA THR A 36 2.83 8.16 19.06
C THR A 36 3.93 7.71 18.12
N TYR A 37 4.54 8.69 17.45
CA TYR A 37 5.66 8.46 16.54
C TYR A 37 6.39 9.78 16.35
N ASP A 38 7.72 9.71 16.30
CA ASP A 38 8.51 10.89 15.93
C ASP A 38 9.86 10.44 15.40
N SER A 39 10.53 11.36 14.70
CA SER A 39 11.78 11.05 14.01
C SER A 39 12.89 10.65 14.96
N VAL A 40 12.81 11.03 16.23
CA VAL A 40 13.82 10.62 17.20
C VAL A 40 13.74 9.13 17.46
N THR A 41 12.53 8.59 17.61
CA THR A 41 12.35 7.18 17.91
C THR A 41 12.22 6.31 16.67
N ARG A 42 11.60 6.84 15.61
CA ARG A 42 11.34 6.09 14.37
C ARG A 42 10.65 4.77 14.68
N GLN A 43 9.68 4.82 15.58
CA GLN A 43 8.90 3.64 15.95
C GLN A 43 7.56 4.10 16.50
N LYS A 44 6.48 3.47 16.04
CA LYS A 44 5.16 3.74 16.58
C LYS A 44 5.00 3.01 17.91
N GLU A 45 4.47 3.70 18.90
CA GLU A 45 4.34 3.17 20.25
C GLU A 45 2.95 3.47 20.79
N PRO A 46 2.45 2.63 21.71
CA PRO A 46 1.13 2.88 22.30
C PRO A 46 1.23 3.93 23.41
N LYS A 47 0.31 4.89 23.38
CA LYS A 47 0.21 5.89 24.43
C LYS A 47 -0.79 5.51 25.52
N ALA A 48 -1.39 4.32 25.43
CA ALA A 48 -2.34 3.84 26.42
C ALA A 48 -2.10 2.36 26.64
N PRO A 49 -2.25 1.87 27.89
CA PRO A 49 -1.99 0.45 28.15
C PRO A 49 -2.99 -0.48 27.51
N TRP A 50 -4.23 -0.04 27.30
CA TRP A 50 -5.21 -0.87 26.63
C TRP A 50 -5.01 -0.92 25.13
N MET A 51 -4.04 -0.16 24.60
CA MET A 51 -3.65 -0.25 23.20
C MET A 51 -2.56 -1.28 22.97
N ALA A 52 -1.62 -1.41 23.91
CA ALA A 52 -0.53 -2.37 23.77
C ALA A 52 -0.97 -3.80 24.03
N GLU A 53 -2.06 -4.00 24.76
CA GLU A 53 -2.51 -5.34 25.11
C GLU A 53 -3.47 -5.94 24.10
N ASN A 54 -4.16 -5.11 23.32
CA ASN A 54 -5.12 -5.60 22.34
C ASN A 54 -4.59 -5.58 20.91
N LEU A 55 -3.63 -4.70 20.61
CA LEU A 55 -3.04 -4.62 19.27
C LEU A 55 -1.82 -5.53 19.22
N ALA A 56 -1.84 -6.51 18.32
CA ALA A 56 -0.77 -7.48 18.20
C ALA A 56 0.52 -6.78 17.78
N PRO A 57 1.68 -7.42 18.04
CA PRO A 57 2.95 -6.79 17.62
C PRO A 57 3.09 -6.59 16.13
N ASP A 58 2.20 -7.14 15.31
CA ASP A 58 2.24 -6.87 13.88
C ASP A 58 1.71 -5.48 13.56
N HIS A 59 0.79 -4.98 14.37
CA HIS A 59 0.22 -3.66 14.13
C HIS A 59 1.20 -2.55 14.51
N TRP A 60 2.21 -2.87 15.30
CA TRP A 60 3.26 -1.93 15.66
C TRP A 60 4.51 -2.10 14.81
N GLU A 61 4.45 -2.91 13.76
CA GLU A 61 5.56 -3.10 12.84
C GLU A 61 5.25 -2.66 11.43
N ARG A 62 3.99 -2.79 10.98
CA ARG A 62 3.64 -2.32 9.66
C ARG A 62 3.41 -0.81 9.64
N TYR A 63 2.66 -0.31 10.62
CA TYR A 63 2.37 1.13 10.62
C TYR A 63 3.61 1.97 10.91
N THR A 64 4.63 1.39 11.55
CA THR A 64 5.91 2.10 11.65
C THR A 64 6.50 2.34 10.27
N GLN A 65 6.51 1.30 9.44
CA GLN A 65 7.06 1.42 8.09
C GLN A 65 6.31 2.46 7.28
N LEU A 66 4.98 2.44 7.37
CA LEU A 66 4.17 3.46 6.70
C LEU A 66 4.50 4.84 7.25
N LEU A 67 4.58 4.97 8.58
CA LEU A 67 4.93 6.26 9.19
C LEU A 67 6.32 6.71 8.79
N ARG A 68 7.26 5.77 8.70
CA ARG A 68 8.61 6.11 8.24
C ARG A 68 8.56 6.65 6.81
N GLY A 69 7.77 6.02 5.95
CA GLY A 69 7.57 6.59 4.62
C GLY A 69 6.79 7.89 4.65
N TRP A 70 5.72 7.94 5.44
CA TRP A 70 4.91 9.15 5.53
C TRP A 70 5.71 10.32 6.11
N GLN A 71 6.70 10.02 6.95
CA GLN A 71 7.57 11.06 7.47
C GLN A 71 8.34 11.74 6.34
N GLN A 72 8.88 10.95 5.40
CA GLN A 72 9.60 11.53 4.28
C GLN A 72 8.68 12.34 3.39
N THR A 73 7.46 11.86 3.16
CA THR A 73 6.50 12.60 2.35
C THR A 73 6.12 13.92 3.01
N PHE A 74 5.79 13.86 4.32
CA PHE A 74 5.30 15.04 5.01
C PHE A 74 6.37 16.13 5.09
N LYS A 75 7.61 15.74 5.41
CA LYS A 75 8.70 16.71 5.42
C LYS A 75 9.00 17.24 4.02
N ALA A 76 8.75 16.42 2.99
CA ALA A 76 8.93 16.89 1.62
C ALA A 76 7.89 17.95 1.27
N GLU A 77 6.63 17.75 1.69
CA GLU A 77 5.58 18.71 1.36
C GLU A 77 5.84 20.07 1.99
N LEU A 78 6.42 20.10 3.19
CA LEU A 78 6.78 21.37 3.80
C LEU A 78 7.84 22.09 2.98
N ARG A 79 8.80 21.35 2.42
CA ARG A 79 9.80 21.97 1.56
C ARG A 79 9.16 22.54 0.30
N HIS A 80 8.26 21.78 -0.33
CA HIS A 80 7.61 22.25 -1.55
C HIS A 80 6.76 23.49 -1.30
N LEU A 81 6.14 23.60 -0.12
CA LEU A 81 5.35 24.78 0.19
C LEU A 81 6.24 25.98 0.47
N GLN A 82 7.32 25.79 1.22
CA GLN A 82 8.22 26.89 1.51
C GLN A 82 8.87 27.45 0.25
N ARG A 83 8.97 26.63 -0.81
CA ARG A 83 9.42 27.15 -2.10
C ARG A 83 8.39 28.08 -2.71
N HIS A 84 7.12 27.66 -2.71
CA HIS A 84 6.06 28.49 -3.31
C HIS A 84 5.92 29.81 -2.57
N TYR A 85 5.99 29.78 -1.23
CA TYR A 85 5.94 31.01 -0.45
C TYR A 85 7.27 31.74 -0.40
N ASN A 86 8.34 31.15 -0.94
CA ASN A 86 9.70 31.68 -0.80
C ASN A 86 10.04 31.92 0.67
N HIS A 87 9.73 30.92 1.49
CA HIS A 87 9.91 31.01 2.93
C HIS A 87 11.18 30.29 3.35
N SER A 88 11.88 30.87 4.32
CA SER A 88 13.05 30.25 4.94
C SER A 88 12.95 30.38 6.45
N GLY A 89 13.67 29.50 7.14
CA GLY A 89 13.61 29.49 8.59
C GLY A 89 12.69 28.42 9.13
N LEU A 90 11.93 28.75 10.18
CA LEU A 90 11.08 27.80 10.88
C LEU A 90 9.63 27.98 10.45
N HIS A 91 9.03 26.89 9.98
CA HIS A 91 7.63 26.89 9.58
C HIS A 91 7.01 25.55 9.94
N THR A 92 5.71 25.55 10.18
CA THR A 92 4.99 24.35 10.62
C THR A 92 4.00 23.90 9.56
N TYR A 93 3.96 22.60 9.33
CA TYR A 93 3.00 21.97 8.42
C TYR A 93 2.26 20.91 9.20
N GLN A 94 0.95 21.10 9.37
CA GLN A 94 0.14 20.23 10.21
C GLN A 94 -0.94 19.56 9.39
N ARG A 95 -1.38 18.40 9.87
CA ARG A 95 -2.43 17.63 9.22
C ARG A 95 -3.37 17.07 10.28
N MET A 96 -4.67 17.12 9.99
CA MET A 96 -5.67 16.44 10.80
C MET A 96 -6.49 15.54 9.92
N ILE A 97 -6.63 14.27 10.32
CA ILE A 97 -7.50 13.32 9.64
C ILE A 97 -8.18 12.48 10.70
N GLY A 98 -9.43 12.12 10.43
CA GLY A 98 -10.15 11.24 11.32
C GLY A 98 -11.63 11.30 11.07
N CYS A 99 -12.34 10.55 11.90
CA CYS A 99 -13.80 10.48 11.87
C CYS A 99 -14.31 10.55 13.30
N GLU A 100 -15.60 10.83 13.45
CA GLU A 100 -16.23 10.76 14.76
C GLU A 100 -17.61 10.13 14.63
N LEU A 101 -17.89 9.17 15.50
CA LEU A 101 -19.13 8.41 15.50
C LEU A 101 -20.07 9.03 16.52
N LEU A 102 -21.05 9.79 16.05
CA LEU A 102 -21.98 10.46 16.93
C LEU A 102 -23.08 9.50 17.39
N GLU A 103 -23.77 9.89 18.46
CA GLU A 103 -25.03 9.25 18.79
C GLU A 103 -26.03 9.54 17.67
N ASP A 104 -26.99 8.62 17.51
CA ASP A 104 -27.90 8.54 16.36
C ASP A 104 -27.17 8.14 15.09
N GLY A 105 -26.01 7.51 15.21
CA GLY A 105 -25.36 6.82 14.10
C GLY A 105 -24.72 7.70 13.04
N SER A 106 -25.09 8.98 12.99
CA SER A 106 -24.61 9.87 11.95
C SER A 106 -23.10 10.08 12.10
N THR A 107 -22.32 9.49 11.21
CA THR A 107 -20.87 9.64 11.21
C THR A 107 -20.46 10.85 10.39
N THR A 108 -19.25 11.34 10.66
CA THR A 108 -18.65 12.40 9.88
C THR A 108 -17.24 11.99 9.48
N GLY A 109 -16.65 12.77 8.58
CA GLY A 109 -15.28 12.55 8.17
C GLY A 109 -14.60 13.85 7.81
N PHE A 110 -13.40 14.08 8.35
CA PHE A 110 -12.67 15.31 8.12
C PHE A 110 -11.23 15.00 7.76
N LEU A 111 -10.64 15.89 6.97
CA LEU A 111 -9.24 15.79 6.58
C LEU A 111 -8.80 17.17 6.11
N GLN A 112 -7.87 17.78 6.83
CA GLN A 112 -7.46 19.14 6.52
C GLN A 112 -6.01 19.35 6.91
N TYR A 113 -5.35 20.27 6.19
CA TYR A 113 -3.96 20.62 6.41
C TYR A 113 -3.87 22.06 6.92
N ALA A 114 -2.69 22.38 7.47
CA ALA A 114 -2.45 23.71 8.02
C ALA A 114 -0.98 24.07 7.84
N TYR A 115 -0.73 25.33 7.49
CA TYR A 115 0.61 25.86 7.33
C TYR A 115 0.77 27.06 8.25
N ASP A 116 1.77 27.00 9.14
CA ASP A 116 2.06 28.07 10.10
C ASP A 116 0.84 28.39 10.97
N GLY A 117 0.12 27.35 11.38
CA GLY A 117 -1.01 27.51 12.28
C GLY A 117 -2.32 27.80 11.58
N GLN A 118 -2.25 28.46 10.43
CA GLN A 118 -3.43 28.81 9.66
C GLN A 118 -3.82 27.68 8.73
N ASP A 119 -5.13 27.52 8.51
CA ASP A 119 -5.64 26.50 7.61
C ASP A 119 -5.07 26.68 6.21
N PHE A 120 -4.65 25.57 5.61
CA PHE A 120 -4.09 25.58 4.26
C PHE A 120 -5.04 25.00 3.23
N ILE A 121 -5.50 23.76 3.42
CA ILE A 121 -6.36 23.09 2.46
C ILE A 121 -7.24 22.10 3.21
N ILE A 122 -8.50 21.98 2.76
CA ILE A 122 -9.51 21.18 3.44
C ILE A 122 -10.18 20.25 2.44
N PHE A 123 -10.33 18.98 2.82
CA PHE A 123 -10.91 17.98 1.94
C PHE A 123 -12.41 17.85 2.17
N ASN A 124 -13.15 17.62 1.08
CA ASN A 124 -14.60 17.44 1.12
C ASN A 124 -14.91 16.04 0.61
N LYS A 125 -15.22 15.11 1.52
CA LYS A 125 -15.52 13.74 1.14
C LYS A 125 -16.87 13.60 0.43
N ASP A 126 -17.71 14.63 0.45
CA ASP A 126 -18.96 14.60 -0.29
C ASP A 126 -18.80 15.12 -1.71
N THR A 127 -17.97 16.13 -1.91
CA THR A 127 -17.70 16.69 -3.23
C THR A 127 -16.42 16.13 -3.85
N LEU A 128 -15.68 15.28 -3.12
CA LEU A 128 -14.43 14.71 -3.61
C LEU A 128 -13.48 15.78 -4.13
N SER A 129 -13.37 16.88 -3.38
CA SER A 129 -12.58 18.02 -3.80
C SER A 129 -11.90 18.65 -2.57
N TRP A 130 -10.83 19.39 -2.84
CA TRP A 130 -10.07 20.07 -1.81
C TRP A 130 -10.38 21.56 -1.84
N LEU A 131 -10.47 22.17 -0.66
CA LEU A 131 -10.80 23.58 -0.52
CA LEU A 131 -10.80 23.58 -0.52
C LEU A 131 -9.50 24.36 -0.23
N ALA A 132 -9.22 25.36 -1.05
CA ALA A 132 -8.01 26.15 -0.93
C ALA A 132 -8.29 27.47 -0.24
N MET A 133 -7.33 27.94 0.55
CA MET A 133 -7.43 29.22 1.24
C MET A 133 -6.61 30.32 0.58
N ASP A 134 -5.48 29.98 -0.04
CA ASP A 134 -4.67 30.96 -0.77
C ASP A 134 -4.29 30.36 -2.12
N TYR A 135 -3.65 31.19 -2.94
CA TYR A 135 -3.32 30.77 -4.30
C TYR A 135 -2.37 29.58 -4.31
N VAL A 136 -1.42 29.55 -3.38
CA VAL A 136 -0.51 28.40 -3.28
C VAL A 136 -1.31 27.13 -3.01
N ALA A 137 -2.29 27.20 -2.10
CA ALA A 137 -3.15 26.06 -1.84
C ALA A 137 -3.98 25.68 -3.05
N HIS A 138 -4.19 26.60 -4.00
CA HIS A 138 -4.92 26.25 -5.20
C HIS A 138 -4.10 25.36 -6.13
N ILE A 139 -2.80 25.64 -6.25
CA ILE A 139 -1.93 24.77 -7.04
C ILE A 139 -1.91 23.37 -6.44
N THR A 140 -1.92 23.29 -5.11
CA THR A 140 -2.01 22.00 -4.44
C THR A 140 -3.32 21.30 -4.76
N LYS A 141 -4.43 22.06 -4.79
CA LYS A 141 -5.74 21.46 -5.03
C LYS A 141 -5.80 20.78 -6.40
N GLN A 142 -5.34 21.48 -7.44
CA GLN A 142 -5.44 20.94 -8.79
C GLN A 142 -4.52 19.74 -8.98
N ALA A 143 -3.40 19.70 -8.27
CA ALA A 143 -2.52 18.54 -8.34
C ALA A 143 -3.14 17.34 -7.61
N TRP A 144 -3.68 17.58 -6.41
CA TRP A 144 -4.26 16.50 -5.63
C TRP A 144 -5.55 15.98 -6.26
N GLU A 145 -6.33 16.85 -6.87
CA GLU A 145 -7.56 16.46 -7.55
C GLU A 145 -7.32 15.90 -8.94
N ALA A 146 -6.07 15.56 -9.28
CA ALA A 146 -5.76 14.99 -10.58
C ALA A 146 -5.58 13.48 -10.55
N ASN A 147 -5.73 12.86 -9.38
CA ASN A 147 -5.65 11.41 -9.24
C ASN A 147 -6.93 10.95 -8.54
N LEU A 148 -7.98 10.68 -9.33
CA LEU A 148 -9.26 10.26 -8.78
C LEU A 148 -9.14 8.99 -7.95
N HIS A 149 -8.12 8.17 -8.23
CA HIS A 149 -7.89 6.98 -7.42
C HIS A 149 -7.68 7.34 -5.96
N GLU A 150 -7.13 8.51 -5.68
CA GLU A 150 -6.83 8.92 -4.32
C GLU A 150 -8.05 9.53 -3.64
N LEU A 151 -8.72 10.46 -4.31
CA LEU A 151 -9.90 11.11 -3.73
C LEU A 151 -10.97 10.09 -3.37
N GLN A 152 -11.19 9.11 -4.24
CA GLN A 152 -12.12 8.03 -3.93
C GLN A 152 -11.59 7.16 -2.80
N TYR A 153 -10.27 6.98 -2.72
CA TYR A 153 -9.68 6.25 -1.60
C TYR A 153 -9.89 7.01 -0.29
N GLN A 154 -9.77 8.33 -0.34
CA GLN A 154 -9.97 9.14 0.86
C GLN A 154 -11.37 8.95 1.41
N LYS A 155 -12.39 9.05 0.55
CA LYS A 155 -13.77 8.94 1.00
C LYS A 155 -14.03 7.60 1.67
N ASN A 156 -13.46 6.52 1.10
CA ASN A 156 -13.65 5.20 1.69
C ASN A 156 -13.07 5.12 3.11
N TRP A 157 -11.84 5.61 3.28
CA TRP A 157 -11.23 5.54 4.62
C TRP A 157 -11.97 6.44 5.60
N LEU A 158 -12.25 7.68 5.21
CA LEU A 158 -12.90 8.63 6.11
C LEU A 158 -14.28 8.16 6.53
N GLU A 159 -14.95 7.36 5.69
CA GLU A 159 -16.32 6.94 5.95
C GLU A 159 -16.42 5.51 6.47
N GLU A 160 -15.77 4.56 5.79
CA GLU A 160 -15.88 3.15 6.15
C GLU A 160 -14.73 2.69 7.06
N GLU A 161 -13.49 2.87 6.60
CA GLU A 161 -12.35 2.28 7.31
C GLU A 161 -12.13 2.93 8.67
N CYS A 162 -12.25 4.26 8.75
CA CYS A 162 -11.94 4.97 9.98
C CYS A 162 -12.86 4.55 11.12
N ILE A 163 -14.16 4.43 10.84
CA ILE A 163 -15.12 4.05 11.87
C ILE A 163 -14.81 2.66 12.42
N ALA A 164 -14.46 1.72 11.53
CA ALA A 164 -14.18 0.37 11.98
C ALA A 164 -13.04 0.34 12.98
N TRP A 165 -11.98 1.12 12.74
CA TRP A 165 -10.92 1.27 13.74
C TRP A 165 -11.49 1.81 15.04
N LEU A 166 -12.30 2.88 14.97
CA LEU A 166 -12.80 3.53 16.17
C LEU A 166 -13.66 2.59 17.00
N LYS A 167 -14.60 1.88 16.36
CA LYS A 167 -15.42 0.92 17.08
C LYS A 167 -14.56 -0.19 17.67
N ARG A 168 -13.53 -0.62 16.94
CA ARG A 168 -12.57 -1.57 17.47
C ARG A 168 -11.81 -0.96 18.63
N PHE A 169 -11.44 0.31 18.51
CA PHE A 169 -10.65 0.97 19.55
C PHE A 169 -11.48 1.20 20.81
N LEU A 170 -12.74 1.59 20.66
CA LEU A 170 -13.57 1.86 21.83
C LEU A 170 -13.82 0.58 22.63
N GLU A 171 -14.00 -0.55 21.94
CA GLU A 171 -14.14 -1.82 22.65
C GLU A 171 -12.87 -2.15 23.44
N TYR A 172 -11.71 -1.86 22.86
CA TYR A 172 -10.49 -1.90 23.64
C TYR A 172 -10.51 -0.78 24.68
N GLY A 173 -10.08 -1.09 25.89
CA GLY A 173 -10.08 -0.08 26.93
C GLY A 173 -11.45 0.52 27.21
N ARG A 174 -12.51 -0.26 27.03
CA ARG A 174 -13.81 0.17 27.50
C ARG A 174 -13.80 0.33 29.02
N ASP A 175 -12.95 -0.44 29.71
CA ASP A 175 -12.81 -0.31 31.15
C ASP A 175 -12.21 1.04 31.53
N THR A 176 -11.32 1.58 30.71
CA THR A 176 -10.70 2.88 30.94
C THR A 176 -11.52 4.01 30.31
N LEU A 177 -11.96 3.82 29.06
CA LEU A 177 -12.71 4.87 28.39
C LEU A 177 -14.11 5.07 28.99
N GLU A 178 -14.65 4.07 29.66
CA GLU A 178 -15.97 4.18 30.28
C GLU A 178 -15.89 4.03 31.80
N ARG A 179 -14.75 4.37 32.38
CA ARG A 179 -14.56 4.32 33.82
C ARG A 179 -15.43 5.37 34.50
N THR A 180 -15.59 5.23 35.82
CA THR A 180 -16.32 6.19 36.63
C THR A 180 -15.60 6.37 37.96
N GLU A 181 -15.15 7.60 38.22
CA GLU A 181 -14.54 7.97 39.48
C GLU A 181 -15.22 9.22 39.99
N HIS A 182 -15.67 9.19 41.22
CA HIS A 182 -16.46 10.29 41.74
C HIS A 182 -15.58 11.38 42.35
N PRO A 183 -16.05 12.62 42.37
CA PRO A 183 -15.19 13.73 42.79
C PRO A 183 -15.09 13.84 44.30
N VAL A 184 -14.06 14.58 44.72
CA VAL A 184 -13.91 15.01 46.10
C VAL A 184 -14.31 16.49 46.13
N VAL A 185 -15.54 16.76 46.52
CA VAL A 185 -16.10 18.11 46.45
C VAL A 185 -16.01 18.75 47.82
N ARG A 186 -15.44 19.95 47.88
CA ARG A 186 -15.32 20.72 49.11
C ARG A 186 -15.55 22.19 48.79
N THR A 187 -15.99 22.94 49.81
CA THR A 187 -16.25 24.37 49.66
C THR A 187 -15.37 25.15 50.61
N THR A 188 -14.80 26.24 50.12
CA THR A 188 -13.86 27.07 50.87
C THR A 188 -14.38 28.51 50.95
N ARG A 189 -13.55 29.40 51.46
CA ARG A 189 -13.94 30.79 51.69
C ARG A 189 -12.73 31.68 51.44
N LYS A 190 -12.80 32.51 50.41
CA LYS A 190 -11.77 33.51 50.11
C LYS A 190 -12.40 34.89 50.28
N GLU A 191 -12.06 35.59 51.36
CA GLU A 191 -12.67 36.86 51.68
C GLU A 191 -12.13 37.97 50.78
N THR A 192 -12.91 39.05 50.67
CA THR A 192 -12.52 40.19 49.87
C THR A 192 -11.32 40.90 50.50
N PHE A 193 -10.59 41.63 49.66
CA PHE A 193 -9.39 42.33 50.10
C PHE A 193 -9.72 43.48 51.06
N THR A 197 -17.42 38.23 50.80
CA THR A 197 -16.58 37.05 50.74
C THR A 197 -16.92 36.20 49.52
N THR A 198 -15.89 35.59 48.94
CA THR A 198 -16.06 34.74 47.75
C THR A 198 -15.94 33.28 48.18
N PHE A 199 -16.99 32.51 47.93
CA PHE A 199 -17.02 31.09 48.25
C PHE A 199 -16.67 30.28 47.01
N PHE A 200 -15.86 29.23 47.20
CA PHE A 200 -15.44 28.36 46.12
C PHE A 200 -15.97 26.95 46.35
N CYS A 201 -16.44 26.32 45.27
CA CYS A 201 -16.90 24.94 45.30
C CYS A 201 -16.01 24.15 44.34
N ARG A 202 -15.13 23.33 44.88
CA ARG A 202 -14.12 22.63 44.11
C ARG A 202 -14.36 21.13 44.16
N ALA A 203 -14.18 20.47 43.03
CA ALA A 203 -14.23 19.02 42.94
C ALA A 203 -12.88 18.51 42.42
N HIS A 204 -12.48 17.33 42.88
CA HIS A 204 -11.19 16.77 42.50
C HIS A 204 -11.32 15.27 42.27
N GLY A 205 -10.70 14.81 41.19
CA GLY A 205 -10.51 13.39 40.98
C GLY A 205 -11.64 12.62 40.34
N PHE A 206 -12.23 13.19 39.28
CA PHE A 206 -13.29 12.52 38.54
C PHE A 206 -12.83 12.28 37.10
N TYR A 207 -12.93 11.02 36.65
CA TYR A 207 -12.48 10.69 35.30
C TYR A 207 -13.45 11.14 34.22
N PRO A 208 -14.75 10.84 34.31
CA PRO A 208 -15.66 11.33 33.26
C PRO A 208 -15.75 12.84 33.31
N PRO A 209 -15.18 13.53 32.32
CA PRO A 209 -14.98 14.98 32.46
C PRO A 209 -16.23 15.80 32.17
N GLU A 210 -17.37 15.34 32.70
CA GLU A 210 -18.63 16.06 32.60
C GLU A 210 -19.24 16.10 34.00
N ILE A 211 -19.14 17.26 34.64
CA ILE A 211 -19.63 17.45 36.00
C ILE A 211 -20.37 18.79 36.05
N SER A 212 -21.50 18.82 36.74
CA SER A 212 -22.30 20.02 36.86
C SER A 212 -22.21 20.56 38.27
N MET A 213 -21.96 21.86 38.37
CA MET A 213 -21.95 22.57 39.65
C MET A 213 -22.83 23.79 39.53
N THR A 214 -23.86 23.86 40.37
CA THR A 214 -24.75 25.01 40.43
C THR A 214 -24.84 25.47 41.88
N TRP A 215 -24.56 26.73 42.13
CA TRP A 215 -24.54 27.26 43.49
C TRP A 215 -25.89 27.91 43.78
N MET A 216 -26.57 27.40 44.80
CA MET A 216 -27.96 27.73 45.08
C MET A 216 -28.05 28.71 46.25
N LYS A 217 -28.74 29.83 46.02
CA LYS A 217 -28.98 30.83 47.04
C LYS A 217 -30.23 30.49 47.84
N ASN A 218 -30.17 30.78 49.14
CA ASN A 218 -31.26 30.46 50.09
C ASN A 218 -31.57 28.97 49.95
N GLY A 219 -32.83 28.58 49.85
CA GLY A 219 -33.15 27.18 49.63
C GLY A 219 -33.34 26.89 48.15
N GLU A 220 -33.87 27.87 47.42
CA GLU A 220 -34.15 27.63 46.00
C GLU A 220 -34.02 28.95 45.23
N GLU A 221 -32.80 29.22 44.76
CA GLU A 221 -32.53 30.30 43.81
C GLU A 221 -31.15 30.10 43.21
N ILE A 222 -31.07 29.88 41.90
CA ILE A 222 -29.76 29.67 41.28
C ILE A 222 -29.02 31.01 41.25
N ALA A 223 -27.84 31.03 41.86
CA ALA A 223 -27.01 32.23 41.85
C ALA A 223 -26.44 32.43 40.45
N GLN A 224 -26.79 33.55 39.82
CA GLN A 224 -26.36 33.83 38.45
C GLN A 224 -25.07 34.64 38.38
N GLU A 225 -24.65 35.27 39.49
CA GLU A 225 -23.41 36.05 39.51
C GLU A 225 -22.30 35.13 39.99
N VAL A 226 -21.85 34.26 39.09
CA VAL A 226 -20.86 33.24 39.42
C VAL A 226 -19.74 33.26 38.37
N ASP A 227 -18.60 32.68 38.75
CA ASP A 227 -17.45 32.51 37.88
C ASP A 227 -17.15 31.03 37.71
N TYR A 228 -16.62 30.66 36.55
CA TYR A 228 -16.40 29.27 36.21
C TYR A 228 -14.96 29.05 35.78
N GLY A 229 -14.33 28.01 36.33
CA GLY A 229 -13.06 27.51 35.84
C GLY A 229 -13.29 26.17 35.17
N GLY A 230 -12.71 26.02 33.98
CA GLY A 230 -12.93 24.82 33.19
C GLY A 230 -12.48 23.54 33.85
N VAL A 231 -12.74 22.40 33.21
CA VAL A 231 -12.30 21.12 33.74
C VAL A 231 -10.83 20.94 33.41
N LEU A 232 -9.96 21.40 34.29
CA LEU A 232 -8.53 21.26 34.08
C LEU A 232 -8.09 19.82 34.35
N PRO A 233 -7.10 19.33 33.61
CA PRO A 233 -6.53 18.01 33.91
C PRO A 233 -5.68 18.06 35.16
N SER A 234 -5.57 16.91 35.82
CA SER A 234 -4.79 16.79 37.05
C SER A 234 -3.44 16.11 36.82
N GLY A 235 -3.39 15.10 35.96
CA GLY A 235 -2.18 14.33 35.70
C GLY A 235 -2.34 12.85 35.96
N ASP A 236 -3.24 12.49 36.88
CA ASP A 236 -3.52 11.10 37.21
C ASP A 236 -4.63 10.51 36.36
N GLY A 237 -4.99 11.17 35.26
CA GLY A 237 -6.12 10.76 34.45
C GLY A 237 -7.44 11.35 34.90
N THR A 238 -7.47 12.12 35.98
CA THR A 238 -8.67 12.74 36.50
C THR A 238 -8.65 14.23 36.23
N TYR A 239 -9.77 14.89 36.52
CA TYR A 239 -9.93 16.32 36.27
C TYR A 239 -10.39 17.01 37.54
N GLN A 240 -10.58 18.32 37.43
CA GLN A 240 -10.94 19.15 38.58
C GLN A 240 -11.53 20.45 38.09
N THR A 241 -12.43 21.03 38.89
CA THR A 241 -13.10 22.26 38.53
C THR A 241 -13.49 23.03 39.79
N TRP A 242 -13.80 24.31 39.60
CA TRP A 242 -14.18 25.18 40.69
C TRP A 242 -15.18 26.20 40.18
N LEU A 243 -15.94 26.77 41.11
CA LEU A 243 -16.90 27.80 40.79
C LEU A 243 -17.01 28.74 41.99
N SER A 244 -17.10 30.03 41.73
CA SER A 244 -17.12 31.03 42.78
C SER A 244 -18.39 31.86 42.71
N VAL A 245 -18.83 32.35 43.86
CA VAL A 245 -19.96 33.25 43.96
C VAL A 245 -19.64 34.29 45.02
N ASN A 246 -19.56 35.55 44.61
CA ASN A 246 -19.24 36.64 45.54
C ASN A 246 -20.47 36.89 46.42
N LEU A 247 -20.35 36.57 47.70
CA LEU A 247 -21.48 36.65 48.63
C LEU A 247 -21.52 38.00 49.32
N ASP A 248 -22.37 38.09 50.34
CA ASP A 248 -22.58 39.29 51.13
C ASP A 248 -23.22 38.84 52.44
N PRO A 249 -22.92 39.51 53.57
CA PRO A 249 -23.40 38.99 54.86
C PRO A 249 -24.92 39.01 54.98
N GLN A 250 -25.55 38.00 54.37
CA GLN A 250 -26.99 37.86 54.29
C GLN A 250 -27.48 36.87 55.33
N SER A 251 -28.61 37.19 55.97
CA SER A 251 -29.20 36.31 56.96
C SER A 251 -29.97 35.17 56.30
N VAL A 254 -28.04 32.01 52.75
CA VAL A 254 -27.73 30.58 52.83
C VAL A 254 -27.39 30.05 51.44
N TYR A 255 -26.13 29.67 51.24
CA TYR A 255 -25.65 29.20 49.95
C TYR A 255 -25.34 27.71 50.02
N SER A 256 -25.68 26.99 48.96
CA SER A 256 -25.42 25.56 48.87
C SER A 256 -24.92 25.24 47.48
N CYS A 257 -23.86 24.45 47.39
CA CYS A 257 -23.32 24.02 46.11
C CYS A 257 -23.89 22.67 45.73
N HIS A 258 -24.46 22.58 44.52
CA HIS A 258 -25.03 21.36 44.00
C HIS A 258 -24.07 20.77 42.97
N VAL A 259 -23.60 19.56 43.22
CA VAL A 259 -22.66 18.89 42.33
C VAL A 259 -23.25 17.53 41.94
N GLU A 260 -23.32 17.27 40.64
CA GLU A 260 -23.75 15.99 40.11
C GLU A 260 -22.71 15.47 39.15
N HIS A 261 -22.29 14.22 39.32
CA HIS A 261 -21.29 13.62 38.45
C HIS A 261 -21.60 12.13 38.30
N SER A 262 -21.95 11.73 37.09
CA SER A 262 -22.18 10.32 36.75
C SER A 262 -23.20 9.67 37.69
N GLY A 263 -24.28 10.38 37.97
CA GLY A 263 -25.35 9.84 38.79
C GLY A 263 -25.16 9.93 40.28
N ARG A 264 -24.14 10.63 40.76
CA ARG A 264 -23.95 10.87 42.19
C ARG A 264 -24.16 12.36 42.44
N GLN A 265 -25.33 12.71 42.94
CA GLN A 265 -25.67 14.09 43.25
C GLN A 265 -25.34 14.38 44.71
N MET A 266 -24.69 15.53 44.94
CA MET A 266 -24.24 15.87 46.28
C MET A 266 -24.41 17.37 46.52
N VAL A 267 -25.00 17.71 47.66
CA VAL A 267 -25.25 19.09 48.06
C VAL A 267 -24.33 19.42 49.23
N LEU A 268 -23.68 20.58 49.15
CA LEU A 268 -22.67 20.96 50.13
C LEU A 268 -23.01 22.30 50.75
N GLU A 269 -22.62 22.47 52.01
CA GLU A 269 -22.82 23.74 52.72
C GLU A 269 -21.92 24.81 52.11
N ALA A 270 -21.99 26.01 52.69
CA ALA A 270 -21.10 27.07 52.24
C ALA A 270 -20.90 28.11 53.34
N PRO A 271 -19.86 27.95 54.17
CA PRO A 271 -19.43 28.98 55.12
C PRO A 271 -18.29 29.81 54.56
N ALA B 1 4.81 31.95 11.23
CA ALA B 1 4.24 33.22 10.79
C ALA B 1 3.16 33.70 11.78
N ILE B 2 2.13 32.88 11.97
CA ILE B 2 1.06 33.19 12.89
C ILE B 2 1.42 32.64 14.27
N GLN B 3 1.37 33.51 15.28
CA GLN B 3 1.73 33.14 16.64
C GLN B 3 0.55 33.40 17.56
N LYS B 4 0.23 32.42 18.39
CA LYS B 4 -0.85 32.52 19.36
C LYS B 4 -0.26 32.51 20.77
N THR B 5 -0.64 33.48 21.58
CA THR B 5 -0.09 33.60 22.92
C THR B 5 -0.54 32.41 23.77
N PRO B 6 0.36 31.80 24.53
CA PRO B 6 -0.02 30.66 25.38
C PRO B 6 -0.90 31.11 26.54
N GLN B 7 -1.55 30.12 27.15
CA GLN B 7 -2.42 30.33 28.30
C GLN B 7 -1.85 29.53 29.47
N ILE B 8 -1.38 30.23 30.49
CA ILE B 8 -0.74 29.62 31.64
C ILE B 8 -1.75 29.52 32.77
N GLN B 9 -1.90 28.32 33.33
CA GLN B 9 -2.82 28.08 34.45
C GLN B 9 -2.11 27.21 35.47
N VAL B 10 -1.77 27.80 36.61
CA VAL B 10 -1.03 27.11 37.67
C VAL B 10 -2.02 26.70 38.75
N TYR B 11 -2.00 25.43 39.12
CA TYR B 11 -2.93 24.90 40.11
C TYR B 11 -2.30 23.63 40.72
N SER B 12 -3.09 22.91 41.52
CA SER B 12 -2.62 21.73 42.22
C SER B 12 -3.50 20.53 41.90
N ARG B 13 -2.88 19.35 41.86
CA ARG B 13 -3.59 18.13 41.50
C ARG B 13 -4.56 17.71 42.61
N HIS B 14 -4.29 18.09 43.85
CA HIS B 14 -5.10 17.76 45.00
C HIS B 14 -5.40 19.03 45.78
N PRO B 15 -6.46 19.05 46.59
CA PRO B 15 -6.76 20.24 47.40
C PRO B 15 -5.60 20.58 48.32
N PRO B 16 -5.13 21.83 48.28
CA PRO B 16 -3.91 22.18 49.01
C PRO B 16 -4.11 22.11 50.52
N GLU B 17 -3.03 21.81 51.21
CA GLU B 17 -3.04 21.67 52.68
C GLU B 17 -1.65 22.06 53.16
N ASN B 18 -1.54 23.21 53.82
CA ASN B 18 -0.23 23.74 54.19
C ASN B 18 0.49 22.78 55.13
N GLY B 19 1.48 22.07 54.62
CA GLY B 19 2.18 21.01 55.34
C GLY B 19 2.05 19.65 54.70
N LYS B 20 0.92 19.38 54.04
CA LYS B 20 0.76 18.09 53.39
C LYS B 20 1.37 18.13 51.98
N PRO B 21 2.08 17.08 51.59
CA PRO B 21 2.66 17.07 50.24
C PRO B 21 1.57 17.09 49.18
N ASN B 22 1.89 17.70 48.05
CA ASN B 22 0.94 17.83 46.95
C ASN B 22 1.75 17.90 45.66
N ILE B 23 1.06 18.23 44.57
CA ILE B 23 1.72 18.41 43.28
C ILE B 23 1.12 19.64 42.61
N LEU B 24 1.98 20.55 42.17
CA LEU B 24 1.57 21.80 41.53
C LEU B 24 1.73 21.67 40.02
N ASN B 25 0.66 21.96 39.29
CA ASN B 25 0.64 21.84 37.84
C ASN B 25 0.80 23.19 37.17
N CYS B 26 1.21 23.15 35.90
CA CYS B 26 1.26 24.33 35.04
C CYS B 26 0.74 23.89 33.68
N TYR B 27 -0.50 24.28 33.37
CA TYR B 27 -1.20 23.83 32.17
C TYR B 27 -1.12 24.93 31.12
N VAL B 28 -0.15 24.79 30.21
CA VAL B 28 0.04 25.76 29.14
C VAL B 28 -0.69 25.25 27.90
N THR B 29 -1.48 26.13 27.28
CA THR B 29 -2.37 25.72 26.21
C THR B 29 -2.51 26.84 25.19
N GLN B 30 -3.07 26.48 24.03
CA GLN B 30 -3.40 27.42 22.96
C GLN B 30 -2.19 28.19 22.46
N PHE B 31 -1.06 27.51 22.32
CA PHE B 31 0.16 28.14 21.86
C PHE B 31 0.61 27.53 20.52
N HIS B 32 1.20 28.40 19.70
CA HIS B 32 1.76 28.05 18.39
C HIS B 32 2.74 29.16 18.00
N PRO B 33 3.94 28.84 17.50
CA PRO B 33 4.48 27.53 17.11
C PRO B 33 4.74 26.58 18.27
N PRO B 34 4.92 25.27 18.01
CA PRO B 34 5.05 24.31 19.12
C PRO B 34 6.28 24.50 19.98
N HIS B 35 7.30 25.22 19.50
CA HIS B 35 8.51 25.41 20.29
C HIS B 35 8.21 26.30 21.48
N ILE B 36 8.55 25.83 22.68
CA ILE B 36 8.22 26.54 23.91
C ILE B 36 9.20 26.10 24.99
N GLU B 37 9.43 26.98 25.97
CA GLU B 37 10.25 26.67 27.12
C GLU B 37 9.47 27.00 28.38
N ILE B 38 9.38 26.03 29.30
CA ILE B 38 8.59 26.16 30.51
C ILE B 38 9.50 25.90 31.71
N GLN B 39 9.47 26.81 32.67
CA GLN B 39 10.25 26.68 33.90
C GLN B 39 9.34 27.00 35.08
N MET B 40 9.35 26.15 36.09
CA MET B 40 8.58 26.36 37.30
C MET B 40 9.50 26.88 38.41
N LEU B 41 8.97 27.75 39.25
CA LEU B 41 9.76 28.50 40.21
C LEU B 41 9.24 28.29 41.63
N LYS B 42 10.16 28.43 42.59
CA LYS B 42 9.84 28.36 44.01
C LYS B 42 10.58 29.49 44.71
N ASN B 43 9.84 30.53 45.12
CA ASN B 43 10.42 31.70 45.81
C ASN B 43 11.50 32.36 44.96
N GLY B 44 11.39 32.24 43.64
CA GLY B 44 12.37 32.83 42.75
C GLY B 44 13.30 31.82 42.10
N LYS B 45 13.73 30.82 42.86
CA LYS B 45 14.62 29.81 42.32
C LYS B 45 13.88 28.93 41.32
N LYS B 46 14.65 28.24 40.48
CA LYS B 46 14.09 27.34 39.48
C LYS B 46 13.95 25.95 40.07
N ILE B 47 12.73 25.41 40.01
CA ILE B 47 12.47 24.05 40.47
C ILE B 47 13.07 23.09 39.47
N PRO B 48 14.05 22.25 39.87
CA PRO B 48 14.73 21.38 38.91
C PRO B 48 14.05 20.05 38.62
N LYS B 49 12.92 19.76 39.27
CA LYS B 49 12.24 18.48 39.09
C LYS B 49 10.98 18.63 38.23
N VAL B 50 10.97 19.58 37.30
CA VAL B 50 9.81 19.79 36.44
C VAL B 50 9.72 18.64 35.44
N GLU B 51 8.60 17.96 35.42
CA GLU B 51 8.33 16.87 34.49
C GLU B 51 7.26 17.31 33.51
N MET B 52 7.59 17.32 32.23
CA MET B 52 6.68 17.78 31.19
C MET B 52 6.04 16.60 30.48
N SER B 53 4.75 16.72 30.21
CA SER B 53 4.04 15.74 29.40
C SER B 53 4.45 15.89 27.94
N ASP B 54 4.20 14.82 27.17
CA ASP B 54 4.40 14.90 25.73
C ASP B 54 3.50 15.97 25.13
N MET B 55 4.02 16.71 24.17
CA MET B 55 3.24 17.76 23.53
C MET B 55 2.02 17.16 22.83
N SER B 56 0.86 17.74 23.11
CA SER B 56 -0.40 17.26 22.55
C SER B 56 -0.90 18.22 21.49
N PHE B 57 -1.72 17.68 20.59
CA PHE B 57 -2.31 18.44 19.51
C PHE B 57 -3.72 18.88 19.89
N SER B 58 -4.20 19.91 19.19
CA SER B 58 -5.54 20.43 19.39
C SER B 58 -6.22 20.61 18.03
N LYS B 59 -7.56 20.61 18.07
CA LYS B 59 -8.32 20.74 16.82
C LYS B 59 -8.11 22.11 16.18
N ASP B 60 -7.81 23.14 16.97
CA ASP B 60 -7.63 24.49 16.46
C ASP B 60 -6.19 24.80 16.05
N TRP B 61 -5.39 23.76 15.75
CA TRP B 61 -4.01 23.85 15.30
C TRP B 61 -3.05 24.39 16.35
N SER B 62 -3.47 24.46 17.61
CA SER B 62 -2.59 24.85 18.69
C SER B 62 -2.12 23.60 19.44
N PHE B 63 -1.25 23.81 20.43
CA PHE B 63 -0.69 22.72 21.20
C PHE B 63 -0.92 22.99 22.69
N TYR B 64 -0.86 21.92 23.48
CA TYR B 64 -0.96 22.06 24.92
C TYR B 64 -0.07 21.04 25.61
N ILE B 65 0.48 21.44 26.76
CA ILE B 65 1.41 20.61 27.52
C ILE B 65 1.16 20.84 29.00
N LEU B 66 1.32 19.78 29.79
CA LEU B 66 1.10 19.82 31.23
C LEU B 66 2.43 19.60 31.94
N ALA B 67 2.90 20.62 32.64
CA ALA B 67 4.15 20.56 33.40
C ALA B 67 3.83 20.51 34.88
N HIS B 68 4.54 19.65 35.62
CA HIS B 68 4.18 19.41 37.00
C HIS B 68 5.42 19.02 37.82
N THR B 69 5.50 19.55 39.04
CA THR B 69 6.55 19.20 39.98
C THR B 69 5.94 18.93 41.35
N GLU B 70 6.35 17.82 41.97
CA GLU B 70 5.93 17.56 43.34
C GLU B 70 6.50 18.63 44.27
N PHE B 71 5.72 18.99 45.28
CA PHE B 71 6.12 20.05 46.20
C PHE B 71 5.39 19.86 47.52
N THR B 72 5.68 20.75 48.47
CA THR B 72 5.03 20.77 49.77
C THR B 72 4.60 22.20 50.09
N PRO B 73 3.32 22.52 49.97
CA PRO B 73 2.87 23.89 50.22
C PRO B 73 3.00 24.28 51.69
N THR B 74 3.32 25.56 51.90
CA THR B 74 3.34 26.15 53.24
C THR B 74 2.53 27.43 53.22
N GLU B 75 2.62 28.22 54.29
CA GLU B 75 1.94 29.51 54.36
C GLU B 75 2.81 30.68 53.90
N THR B 76 4.06 30.42 53.51
CA THR B 76 4.95 31.50 53.09
C THR B 76 5.55 31.26 51.71
N ASP B 77 5.94 30.03 51.39
CA ASP B 77 6.60 29.76 50.12
C ASP B 77 5.65 30.03 48.95
N THR B 78 6.15 30.75 47.96
CA THR B 78 5.39 31.07 46.75
C THR B 78 5.93 30.25 45.58
N TYR B 79 5.05 29.95 44.64
CA TYR B 79 5.40 29.20 43.45
C TYR B 79 4.84 29.90 42.22
N ALA B 80 5.54 29.73 41.10
CA ALA B 80 5.11 30.32 39.83
C ALA B 80 5.54 29.41 38.70
N CYS B 81 5.13 29.77 37.49
CA CYS B 81 5.47 29.00 36.29
C CYS B 81 5.89 29.98 35.20
N ARG B 82 7.18 29.97 34.88
CA ARG B 82 7.72 30.82 33.83
C ARG B 82 7.65 30.09 32.49
N VAL B 83 7.17 30.77 31.46
CA VAL B 83 7.02 30.21 30.13
C VAL B 83 7.65 31.16 29.12
N LYS B 84 8.50 30.63 28.26
CA LYS B 84 9.13 31.40 27.19
C LYS B 84 8.64 30.86 25.85
N HIS B 85 8.06 31.75 25.03
CA HIS B 85 7.46 31.35 23.77
C HIS B 85 7.68 32.44 22.74
N ALA B 86 7.77 32.03 21.47
CA ALA B 86 8.06 32.96 20.39
C ALA B 86 6.96 34.01 20.20
N SER B 87 5.75 33.75 20.69
CA SER B 87 4.69 34.74 20.59
C SER B 87 4.92 35.94 21.48
N MET B 88 5.86 35.86 22.43
CA MET B 88 6.13 36.94 23.36
C MET B 88 7.60 37.33 23.26
N ALA B 89 7.87 38.63 23.39
CA ALA B 89 9.24 39.13 23.39
C ALA B 89 9.92 38.94 24.73
N GLU B 90 9.19 38.55 25.76
CA GLU B 90 9.74 38.30 27.09
C GLU B 90 8.97 37.14 27.71
N PRO B 91 9.62 36.35 28.59
CA PRO B 91 8.89 35.28 29.26
C PRO B 91 7.81 35.83 30.19
N LYS B 92 6.71 35.08 30.30
CA LYS B 92 5.59 35.46 31.16
C LYS B 92 5.54 34.53 32.36
N THR B 93 5.41 35.11 33.55
CA THR B 93 5.43 34.38 34.81
C THR B 93 4.08 34.52 35.49
N VAL B 94 3.48 33.38 35.85
CA VAL B 94 2.18 33.34 36.53
C VAL B 94 2.37 32.66 37.87
N TYR B 95 2.01 33.35 38.95
CA TYR B 95 2.13 32.82 40.30
C TYR B 95 0.90 32.00 40.67
N TRP B 96 1.09 31.07 41.61
CA TRP B 96 0.01 30.21 42.07
C TRP B 96 -0.75 30.87 43.21
N ASP B 97 -2.08 30.74 43.17
CA ASP B 97 -2.95 31.25 44.21
C ASP B 97 -3.84 30.13 44.74
N ARG B 98 -3.96 30.05 46.06
CA ARG B 98 -4.66 28.94 46.72
C ARG B 98 -6.02 29.35 47.27
N ASP B 99 -6.06 30.39 48.10
CA ASP B 99 -7.31 30.88 48.70
C ASP B 99 -8.05 29.79 49.48
N GLY C 4 -6.94 -15.09 1.05
CA GLY C 4 -7.74 -13.90 1.29
C GLY C 4 -8.51 -13.43 0.07
N VAL C 5 -7.88 -13.53 -1.10
CA VAL C 5 -8.48 -13.17 -2.37
C VAL C 5 -8.61 -14.44 -3.22
N GLU C 6 -9.82 -14.69 -3.72
CA GLU C 6 -10.11 -15.84 -4.54
C GLU C 6 -10.48 -15.39 -5.94
N GLN C 7 -10.10 -16.19 -6.94
CA GLN C 7 -10.24 -15.81 -8.33
C GLN C 7 -10.38 -17.06 -9.18
N PRO C 8 -11.14 -17.01 -10.26
CA PRO C 8 -11.15 -18.13 -11.22
C PRO C 8 -9.79 -18.27 -11.89
N ALA C 9 -9.63 -19.38 -12.62
CA ALA C 9 -8.36 -19.68 -13.27
C ALA C 9 -8.46 -19.81 -14.78
N LYS C 10 -9.65 -19.73 -15.36
CA LYS C 10 -9.81 -19.91 -16.79
C LYS C 10 -11.05 -19.18 -17.27
N LEU C 11 -10.98 -18.69 -18.52
CA LEU C 11 -12.16 -18.06 -19.13
C LEU C 11 -12.04 -18.15 -20.65
N MET C 12 -13.16 -18.47 -21.29
CA MET C 12 -13.24 -18.60 -22.74
C MET C 12 -14.34 -17.71 -23.28
N SER C 13 -14.06 -17.05 -24.40
CA SER C 13 -15.05 -16.20 -25.06
C SER C 13 -14.63 -16.01 -26.51
N VAL C 14 -15.63 -15.79 -27.37
CA VAL C 14 -15.38 -15.64 -28.79
C VAL C 14 -14.64 -14.34 -29.06
N GLU C 15 -13.83 -14.34 -30.12
CA GLU C 15 -13.22 -13.10 -30.59
C GLU C 15 -14.30 -12.10 -30.99
N GLY C 16 -14.13 -10.85 -30.58
CA GLY C 16 -15.07 -9.81 -30.89
C GLY C 16 -16.21 -9.67 -29.92
N THR C 17 -16.36 -10.60 -28.98
CA THR C 17 -17.34 -10.52 -27.91
C THR C 17 -16.64 -10.05 -26.64
N PHE C 18 -17.36 -10.12 -25.52
CA PHE C 18 -16.88 -9.63 -24.25
C PHE C 18 -16.41 -10.78 -23.35
N ALA C 19 -15.95 -10.43 -22.16
CA ALA C 19 -15.64 -11.40 -21.12
C ALA C 19 -15.55 -10.65 -19.80
N ARG C 20 -16.36 -11.04 -18.82
CA ARG C 20 -16.25 -10.48 -17.48
C ARG C 20 -15.44 -11.45 -16.63
N VAL C 21 -14.41 -10.91 -15.98
CA VAL C 21 -13.53 -11.70 -15.12
C VAL C 21 -13.78 -11.27 -13.68
N ASN C 22 -14.03 -12.26 -12.82
CA ASN C 22 -14.51 -11.99 -11.48
C ASN C 22 -13.37 -11.89 -10.47
N CYS C 23 -13.70 -11.38 -9.29
CA CYS C 23 -12.77 -11.28 -8.17
C CYS C 23 -13.59 -11.21 -6.90
N THR C 24 -13.22 -12.00 -5.89
CA THR C 24 -13.95 -12.07 -4.64
C THR C 24 -12.94 -12.09 -3.50
N TYR C 25 -12.88 -11.01 -2.72
CA TYR C 25 -11.91 -10.88 -1.65
C TYR C 25 -12.54 -11.11 -0.30
N SER C 26 -11.72 -11.56 0.65
CA SER C 26 -12.10 -11.77 2.04
C SER C 26 -11.08 -11.14 2.97
N THR C 27 -10.62 -9.95 2.61
CA THR C 27 -9.61 -9.26 3.40
C THR C 27 -10.23 -8.71 4.70
N SER C 28 -9.35 -8.34 5.63
CA SER C 28 -9.83 -7.80 6.90
C SER C 28 -10.52 -6.46 6.69
N GLY C 29 -9.76 -5.47 6.19
CA GLY C 29 -10.32 -4.23 5.72
C GLY C 29 -10.33 -4.19 4.20
N PHE C 30 -10.54 -2.98 3.68
CA PHE C 30 -10.55 -2.79 2.23
C PHE C 30 -10.20 -1.34 1.95
N ASN C 31 -9.11 -1.12 1.21
CA ASN C 31 -8.73 0.22 0.79
C ASN C 31 -8.74 0.41 -0.71
N GLY C 32 -8.87 -0.66 -1.49
CA GLY C 32 -8.98 -0.52 -2.94
C GLY C 32 -8.99 -1.88 -3.59
N LEU C 33 -9.30 -1.89 -4.87
CA LEU C 33 -9.25 -3.09 -5.69
C LEU C 33 -8.69 -2.72 -7.05
N SER C 34 -7.56 -3.32 -7.40
CA SER C 34 -6.84 -3.00 -8.62
C SER C 34 -6.78 -4.21 -9.52
N TRP C 35 -6.98 -4.00 -10.81
CA TRP C 35 -6.83 -5.04 -11.81
C TRP C 35 -5.52 -4.85 -12.56
N TYR C 36 -4.83 -5.95 -12.84
CA TYR C 36 -3.63 -5.93 -13.66
C TYR C 36 -3.77 -6.96 -14.77
N GLN C 37 -3.12 -6.68 -15.90
CA GLN C 37 -3.09 -7.60 -17.03
C GLN C 37 -1.66 -8.11 -17.19
N GLN C 38 -1.50 -9.42 -17.10
CA GLN C 38 -0.23 -10.08 -17.36
C GLN C 38 -0.41 -11.06 -18.51
N ARG C 39 0.41 -10.92 -19.54
CA ARG C 39 0.24 -11.65 -20.80
C ARG C 39 1.49 -12.48 -21.06
N GLU C 40 1.39 -13.78 -20.82
CA GLU C 40 2.47 -14.73 -21.10
C GLU C 40 3.80 -14.26 -20.53
N GLY C 41 4.77 -14.01 -21.41
CA GLY C 41 6.11 -13.65 -20.98
C GLY C 41 6.24 -12.23 -20.48
N GLN C 42 5.26 -11.38 -20.72
CA GLN C 42 5.34 -9.98 -20.30
C GLN C 42 5.05 -9.85 -18.81
N ALA C 43 5.16 -8.63 -18.30
CA ALA C 43 4.95 -8.29 -16.90
C ALA C 43 3.60 -7.62 -16.71
N PRO C 44 3.05 -7.69 -15.49
CA PRO C 44 1.71 -7.09 -15.26
C PRO C 44 1.68 -5.61 -15.60
N VAL C 45 0.55 -5.20 -16.19
CA VAL C 45 0.29 -3.81 -16.55
C VAL C 45 -0.98 -3.39 -15.84
N PHE C 46 -0.93 -2.26 -15.14
CA PHE C 46 -2.09 -1.78 -14.41
C PHE C 46 -3.25 -1.50 -15.37
N LEU C 47 -4.45 -1.87 -14.94
CA LEU C 47 -5.65 -1.71 -15.75
C LEU C 47 -6.63 -0.70 -15.16
N SER C 48 -7.07 -0.91 -13.92
CA SER C 48 -8.05 -0.04 -13.29
C SER C 48 -8.00 -0.24 -11.79
N TYR C 49 -8.29 0.83 -11.06
CA TYR C 49 -8.38 0.82 -9.62
C TYR C 49 -9.78 1.27 -9.22
N VAL C 50 -10.38 0.57 -8.26
CA VAL C 50 -11.76 0.85 -7.86
C VAL C 50 -11.86 0.68 -6.34
N VAL C 51 -12.45 1.66 -5.68
CA VAL C 51 -12.62 1.63 -4.23
C VAL C 51 -14.03 1.95 -3.78
N LEU C 52 -14.82 2.66 -4.57
CA LEU C 52 -16.23 2.90 -4.27
C LEU C 52 -17.09 1.95 -5.09
N ASP C 53 -18.33 1.76 -4.63
CA ASP C 53 -19.28 0.93 -5.35
C ASP C 53 -19.74 1.64 -6.62
N GLY C 54 -19.79 0.89 -7.72
CA GLY C 54 -20.25 1.43 -8.98
C GLY C 54 -19.47 0.82 -10.13
N LEU C 55 -19.77 1.33 -11.33
CA LEU C 55 -19.14 0.86 -12.56
C LEU C 55 -18.29 1.98 -13.14
N LYS C 56 -17.04 1.67 -13.48
CA LYS C 56 -16.09 2.64 -14.02
C LYS C 56 -16.01 2.45 -15.53
N ASP C 57 -16.76 3.25 -16.27
CA ASP C 57 -16.82 3.16 -17.73
C ASP C 57 -15.56 3.78 -18.31
N SER C 58 -14.51 2.96 -18.41
CA SER C 58 -13.23 3.39 -18.96
C SER C 58 -13.19 3.36 -20.48
N GLY C 59 -14.29 2.97 -21.13
CA GLY C 59 -14.30 2.85 -22.57
C GLY C 59 -14.24 1.41 -23.04
N HIS C 60 -13.07 0.98 -23.49
CA HIS C 60 -12.89 -0.39 -23.97
C HIS C 60 -12.91 -1.42 -22.84
N PHE C 61 -13.18 -1.01 -21.60
CA PHE C 61 -13.41 -1.94 -20.50
C PHE C 61 -14.15 -1.19 -19.41
N SER C 62 -14.55 -1.94 -18.38
CA SER C 62 -15.27 -1.35 -17.24
C SER C 62 -14.99 -2.18 -16.01
N THR C 63 -15.13 -1.54 -14.84
CA THR C 63 -14.88 -2.17 -13.56
C THR C 63 -16.05 -1.90 -12.62
N PHE C 64 -16.58 -2.95 -12.02
CA PHE C 64 -17.64 -2.85 -11.01
C PHE C 64 -17.10 -3.33 -9.68
N LEU C 65 -17.64 -2.77 -8.60
CA LEU C 65 -17.27 -3.17 -7.24
C LEU C 65 -18.49 -3.21 -6.35
N SER C 66 -18.61 -4.29 -5.57
CA SER C 66 -19.61 -4.39 -4.51
C SER C 66 -18.87 -4.58 -3.20
N ARG C 67 -18.89 -3.55 -2.35
CA ARG C 67 -18.16 -3.62 -1.08
C ARG C 67 -18.79 -4.62 -0.13
N SER C 68 -20.10 -4.53 0.09
CA SER C 68 -20.77 -5.41 1.05
C SER C 68 -20.64 -6.86 0.64
N ASN C 69 -20.93 -7.17 -0.63
CA ASN C 69 -20.75 -8.52 -1.12
C ASN C 69 -19.29 -8.92 -1.14
N GLY C 70 -18.38 -7.95 -1.25
CA GLY C 70 -16.97 -8.24 -1.38
C GLY C 70 -16.64 -8.85 -2.72
N TYR C 71 -17.07 -8.18 -3.80
CA TYR C 71 -17.00 -8.75 -5.13
C TYR C 71 -16.78 -7.66 -6.15
N SER C 72 -15.98 -7.97 -7.17
CA SER C 72 -15.73 -7.06 -8.28
C SER C 72 -15.43 -7.88 -9.52
N TYR C 73 -15.83 -7.35 -10.67
CA TYR C 73 -15.53 -7.97 -11.94
C TYR C 73 -15.00 -6.92 -12.91
N LEU C 74 -14.16 -7.36 -13.83
CA LEU C 74 -13.64 -6.53 -14.91
C LEU C 74 -14.36 -6.92 -16.19
N LEU C 75 -15.05 -5.95 -16.81
CA LEU C 75 -15.81 -6.19 -18.02
C LEU C 75 -14.96 -5.74 -19.20
N LEU C 76 -14.38 -6.71 -19.91
CA LEU C 76 -13.57 -6.44 -21.09
C LEU C 76 -14.44 -6.59 -22.34
N THR C 77 -14.44 -5.57 -23.18
CA THR C 77 -15.28 -5.54 -24.36
C THR C 77 -14.43 -5.32 -25.60
N GLU C 78 -15.01 -5.62 -26.76
CA GLU C 78 -14.33 -5.50 -28.04
C GLU C 78 -13.02 -6.30 -28.04
N LEU C 79 -13.12 -7.55 -27.62
CA LEU C 79 -11.95 -8.39 -27.44
C LEU C 79 -11.29 -8.73 -28.78
N GLN C 80 -9.96 -8.82 -28.75
CA GLN C 80 -9.20 -9.37 -29.87
C GLN C 80 -8.24 -10.41 -29.34
N ILE C 81 -7.33 -10.91 -30.19
CA ILE C 81 -6.41 -11.96 -29.75
C ILE C 81 -5.40 -11.42 -28.75
N LYS C 82 -4.90 -10.21 -28.98
CA LYS C 82 -3.89 -9.63 -28.10
C LYS C 82 -4.39 -9.49 -26.66
N ASP C 83 -5.70 -9.48 -26.45
CA ASP C 83 -6.27 -9.35 -25.11
C ASP C 83 -6.32 -10.67 -24.37
N SER C 84 -5.93 -11.79 -24.99
CA SER C 84 -5.91 -13.07 -24.30
C SER C 84 -4.70 -13.12 -23.38
N ALA C 85 -4.94 -13.09 -22.07
CA ALA C 85 -3.88 -13.01 -21.09
C ALA C 85 -4.41 -13.53 -19.76
N SER C 86 -3.65 -13.30 -18.69
CA SER C 86 -4.08 -13.59 -17.34
C SER C 86 -4.32 -12.27 -16.61
N TYR C 87 -5.40 -12.21 -15.84
CA TYR C 87 -5.83 -10.97 -15.19
C TYR C 87 -5.77 -11.15 -13.67
N LEU C 88 -5.05 -10.27 -13.02
CA LEU C 88 -4.82 -10.33 -11.58
C LEU C 88 -5.60 -9.22 -10.88
N CYS C 89 -6.26 -9.57 -9.79
CA CYS C 89 -6.89 -8.59 -8.91
C CYS C 89 -6.18 -8.64 -7.57
N ALA C 90 -5.76 -7.49 -7.08
CA ALA C 90 -5.11 -7.35 -5.79
C ALA C 90 -5.89 -6.38 -4.93
N VAL C 91 -6.10 -6.74 -3.67
CA VAL C 91 -6.89 -5.94 -2.75
C VAL C 91 -5.96 -5.46 -1.65
N ARG C 92 -6.27 -4.27 -1.11
CA ARG C 92 -5.45 -3.65 -0.08
C ARG C 92 -6.05 -3.94 1.29
N ASP C 93 -5.20 -4.40 2.21
CA ASP C 93 -5.61 -4.77 3.54
C ASP C 93 -5.92 -3.53 4.37
N SER C 94 -6.54 -3.75 5.54
CA SER C 94 -6.71 -2.67 6.50
C SER C 94 -5.38 -2.16 7.05
N ASN C 95 -4.30 -2.92 6.87
CA ASN C 95 -2.95 -2.47 7.19
C ASN C 95 -2.13 -2.23 5.94
N TYR C 96 -2.79 -2.04 4.79
CA TYR C 96 -2.15 -1.69 3.53
C TYR C 96 -1.17 -2.76 3.07
N GLN C 97 -1.70 -3.95 2.83
CA GLN C 97 -0.96 -5.06 2.24
C GLN C 97 -1.70 -5.54 1.00
N LEU C 98 -1.02 -5.55 -0.14
CA LEU C 98 -1.62 -6.04 -1.37
C LEU C 98 -1.77 -7.56 -1.30
N ILE C 99 -3.01 -8.03 -1.30
CA ILE C 99 -3.31 -9.45 -1.35
C ILE C 99 -3.56 -9.79 -2.82
N TRP C 100 -2.63 -10.52 -3.44
CA TRP C 100 -2.72 -10.83 -4.86
C TRP C 100 -3.49 -12.13 -5.07
N GLY C 101 -4.38 -12.10 -6.06
CA GLY C 101 -5.09 -13.29 -6.47
C GLY C 101 -4.24 -14.19 -7.34
N SER C 102 -4.81 -15.34 -7.70
CA SER C 102 -4.09 -16.32 -8.50
C SER C 102 -4.13 -16.03 -9.99
N GLY C 103 -5.03 -15.16 -10.44
CA GLY C 103 -5.09 -14.77 -11.84
C GLY C 103 -5.97 -15.65 -12.70
N THR C 104 -6.75 -15.03 -13.58
CA THR C 104 -7.65 -15.73 -14.49
C THR C 104 -7.06 -15.70 -15.89
N LYS C 105 -6.82 -16.89 -16.46
CA LYS C 105 -6.27 -16.99 -17.82
C LYS C 105 -7.42 -16.87 -18.81
N LEU C 106 -7.56 -15.69 -19.41
CA LEU C 106 -8.57 -15.48 -20.44
C LEU C 106 -8.02 -15.94 -21.78
N ILE C 107 -8.70 -16.88 -22.41
CA ILE C 107 -8.34 -17.36 -23.76
C ILE C 107 -9.46 -16.98 -24.71
N ILE C 108 -9.09 -16.41 -25.86
CA ILE C 108 -10.02 -15.89 -26.84
C ILE C 108 -10.08 -16.87 -28.01
N LYS C 109 -11.31 -17.18 -28.45
CA LYS C 109 -11.51 -18.13 -29.53
C LYS C 109 -11.43 -17.40 -30.87
N PRO C 110 -10.55 -17.82 -31.78
CA PRO C 110 -10.44 -17.16 -33.09
C PRO C 110 -11.59 -17.58 -34.01
N ASN C 111 -12.47 -16.62 -34.31
CA ASN C 111 -13.60 -16.90 -35.18
C ASN C 111 -13.12 -17.13 -36.60
N ILE C 112 -13.32 -18.34 -37.11
CA ILE C 112 -12.87 -18.73 -38.44
C ILE C 112 -14.07 -18.74 -39.37
N GLN C 113 -13.97 -18.01 -40.48
CA GLN C 113 -15.03 -17.93 -41.47
C GLN C 113 -14.97 -19.05 -42.51
N ASN C 114 -13.95 -19.90 -42.45
CA ASN C 114 -13.80 -21.01 -43.40
C ASN C 114 -13.08 -22.16 -42.71
N PRO C 115 -13.80 -22.94 -41.89
CA PRO C 115 -13.16 -24.10 -41.25
C PRO C 115 -12.93 -25.23 -42.23
N ASP C 116 -11.67 -25.43 -42.61
CA ASP C 116 -11.28 -26.50 -43.54
C ASP C 116 -10.34 -27.43 -42.80
N PRO C 117 -10.87 -28.44 -42.09
CA PRO C 117 -10.01 -29.33 -41.31
C PRO C 117 -9.18 -30.24 -42.19
N ALA C 118 -7.89 -29.92 -42.31
CA ALA C 118 -6.98 -30.67 -43.16
C ALA C 118 -5.64 -30.81 -42.45
N VAL C 119 -5.08 -32.01 -42.49
CA VAL C 119 -3.81 -32.32 -41.85
C VAL C 119 -2.77 -32.54 -42.95
N TYR C 120 -1.73 -31.72 -42.94
CA TYR C 120 -0.68 -31.77 -43.94
C TYR C 120 0.59 -32.37 -43.34
N GLN C 121 1.50 -32.77 -44.21
CA GLN C 121 2.77 -33.38 -43.81
C GLN C 121 3.91 -32.50 -44.30
N LEU C 122 4.68 -31.94 -43.38
CA LEU C 122 5.76 -31.04 -43.72
C LEU C 122 7.06 -31.81 -43.88
N ARG C 123 7.67 -31.70 -45.06
CA ARG C 123 8.99 -32.28 -45.28
C ARG C 123 10.05 -31.46 -44.55
N ASP C 124 11.08 -32.16 -44.07
CA ASP C 124 12.18 -31.52 -43.36
C ASP C 124 13.34 -31.29 -44.32
N SER C 125 13.88 -30.08 -44.32
CA SER C 125 14.99 -29.73 -45.20
C SER C 125 16.31 -29.73 -44.44
N LYS C 130 12.39 -37.14 -40.28
CA LYS C 130 11.77 -35.96 -39.70
C LYS C 130 10.62 -35.47 -40.55
N SER C 131 9.39 -35.80 -40.14
CA SER C 131 8.18 -35.41 -40.87
C SER C 131 7.13 -34.98 -39.84
N VAL C 132 7.09 -33.68 -39.55
CA VAL C 132 6.07 -33.17 -38.64
C VAL C 132 4.72 -33.14 -39.34
N CYS C 133 3.66 -33.05 -38.54
CA CYS C 133 2.29 -33.05 -39.04
C CYS C 133 1.59 -31.80 -38.53
N LEU C 134 0.93 -31.07 -39.44
CA LEU C 134 0.28 -29.82 -39.13
C LEU C 134 -1.24 -29.98 -39.25
N PHE C 135 -1.95 -29.63 -38.19
CA PHE C 135 -3.40 -29.62 -38.17
C PHE C 135 -3.85 -28.17 -38.20
N THR C 136 -4.17 -27.67 -39.38
CA THR C 136 -4.52 -26.27 -39.59
C THR C 136 -5.99 -26.13 -39.96
N ASP C 137 -6.54 -24.94 -39.66
CA ASP C 137 -7.91 -24.56 -40.02
C ASP C 137 -8.93 -25.53 -39.43
N PHE C 138 -8.99 -25.54 -38.10
CA PHE C 138 -9.97 -26.35 -37.40
C PHE C 138 -10.87 -25.49 -36.51
N SER C 140 -13.02 -23.54 -33.78
CA SER C 140 -12.76 -23.20 -32.38
C SER C 140 -13.13 -24.35 -31.47
N GLN C 141 -14.33 -24.93 -31.69
CA GLN C 141 -14.78 -26.05 -30.87
C GLN C 141 -13.94 -27.30 -31.07
N THR C 142 -13.05 -27.30 -32.07
CA THR C 142 -12.14 -28.40 -32.31
C THR C 142 -11.03 -28.36 -31.28
N ASN C 143 -11.20 -29.14 -30.21
CA ASN C 143 -10.24 -29.20 -29.12
C ASN C 143 -9.22 -30.29 -29.40
N VAL C 144 -7.94 -29.93 -29.31
CA VAL C 144 -6.83 -30.87 -29.51
C VAL C 144 -6.37 -31.37 -28.15
N SER C 145 -5.80 -32.58 -28.14
CA SER C 145 -5.33 -33.19 -26.91
C SER C 145 -3.94 -33.79 -27.12
N GLN C 146 -3.06 -33.56 -26.16
CA GLN C 146 -1.79 -34.27 -26.13
C GLN C 146 -2.09 -35.74 -25.89
N SER C 147 -1.55 -36.61 -26.74
CA SER C 147 -2.12 -37.94 -26.90
C SER C 147 -1.06 -39.02 -27.03
N LYS C 148 -1.51 -40.25 -26.77
CA LYS C 148 -0.78 -41.48 -27.04
C LYS C 148 0.51 -41.69 -26.27
N ASP C 149 1.48 -42.27 -26.97
CA ASP C 149 2.65 -42.89 -26.41
C ASP C 149 3.68 -41.83 -26.04
N SER C 150 4.82 -42.31 -25.59
CA SER C 150 5.89 -41.42 -25.13
C SER C 150 6.35 -40.50 -26.25
N ASP C 151 6.45 -41.03 -27.47
CA ASP C 151 6.83 -40.24 -28.63
C ASP C 151 5.59 -39.77 -29.37
N TYR C 153 4.72 -36.53 -29.72
CA TYR C 153 4.56 -35.19 -29.14
C TYR C 153 3.48 -34.40 -29.87
N ILE C 154 2.48 -33.94 -29.12
CA ILE C 154 1.38 -33.17 -29.67
C ILE C 154 1.35 -31.81 -28.97
N THR C 155 1.23 -30.75 -29.76
CA THR C 155 1.13 -29.40 -29.24
C THR C 155 -0.34 -29.01 -29.13
N ASP C 156 -0.60 -27.74 -28.86
CA ASP C 156 -1.95 -27.23 -28.71
C ASP C 156 -2.24 -26.17 -29.79
N LYS C 157 -3.46 -25.65 -29.76
CA LYS C 157 -3.90 -24.72 -30.79
C LYS C 157 -3.11 -23.41 -30.72
N CYS C 158 -2.96 -22.78 -31.89
CA CYS C 158 -2.28 -21.50 -31.99
C CYS C 158 -2.96 -20.67 -33.06
N VAL C 159 -2.89 -19.35 -32.90
CA VAL C 159 -3.53 -18.41 -33.82
C VAL C 159 -2.46 -17.50 -34.41
N LEU C 160 -2.28 -17.58 -35.73
CA LEU C 160 -1.43 -16.67 -36.46
C LEU C 160 -2.29 -15.69 -37.25
N ASP C 161 -2.01 -14.41 -37.11
CA ASP C 161 -2.81 -13.35 -37.73
C ASP C 161 -1.96 -12.73 -38.84
N MET C 162 -2.07 -13.31 -40.04
CA MET C 162 -1.34 -12.80 -41.21
C MET C 162 -1.90 -11.42 -41.53
N ARG C 163 -1.16 -10.38 -41.15
CA ARG C 163 -1.64 -9.01 -41.27
C ARG C 163 -1.74 -8.54 -42.72
N SER C 164 -1.12 -9.24 -43.66
CA SER C 164 -1.26 -8.87 -45.07
C SER C 164 -2.71 -9.00 -45.53
N MET C 165 -3.41 -10.03 -45.03
CA MET C 165 -4.80 -10.29 -45.35
C MET C 165 -5.61 -10.40 -44.07
N ASP C 166 -6.84 -10.91 -44.18
CA ASP C 166 -7.68 -11.17 -43.01
C ASP C 166 -7.56 -12.61 -42.53
N PHE C 167 -6.37 -13.20 -42.67
CA PHE C 167 -6.15 -14.60 -42.35
C PHE C 167 -5.85 -14.78 -40.86
N LYS C 168 -6.54 -15.72 -40.23
CA LYS C 168 -6.29 -16.11 -38.83
C LYS C 168 -6.60 -17.60 -38.73
N SER C 169 -5.57 -18.42 -38.86
CA SER C 169 -5.71 -19.87 -38.91
C SER C 169 -5.32 -20.52 -37.59
N ASN C 170 -6.09 -21.53 -37.19
CA ASN C 170 -5.79 -22.32 -36.01
C ASN C 170 -4.89 -23.47 -36.42
N SER C 171 -3.65 -23.46 -35.95
CA SER C 171 -2.66 -24.47 -36.33
C SER C 171 -2.25 -25.31 -35.12
N ALA C 172 -1.66 -26.46 -35.42
CA ALA C 172 -1.16 -27.36 -34.39
C ALA C 172 -0.13 -28.28 -35.04
N VAL C 173 0.92 -28.62 -34.28
CA VAL C 173 2.03 -29.39 -34.81
C VAL C 173 2.26 -30.61 -33.92
N ALA C 174 2.30 -31.79 -34.55
CA ALA C 174 2.57 -33.03 -33.85
C ALA C 174 3.72 -33.76 -34.54
N TRP C 175 4.71 -34.17 -33.75
CA TRP C 175 5.86 -34.89 -34.28
C TRP C 175 6.23 -35.99 -33.29
N SER C 176 6.94 -36.99 -33.79
CA SER C 176 7.38 -38.11 -32.97
C SER C 176 8.77 -38.54 -33.40
N ASN C 177 9.54 -39.06 -32.44
CA ASN C 177 10.88 -39.55 -32.70
C ASN C 177 10.76 -40.89 -33.42
N LYS C 178 10.87 -40.86 -34.75
CA LYS C 178 10.65 -42.04 -35.59
C LYS C 178 9.32 -42.70 -35.25
N SER C 179 9.37 -43.95 -34.80
CA SER C 179 8.23 -44.77 -34.42
C SER C 179 7.34 -45.12 -35.60
N ASP C 180 7.66 -44.66 -36.81
CA ASP C 180 6.86 -44.91 -38.01
C ASP C 180 5.41 -44.48 -37.81
N PHE C 181 5.23 -43.33 -37.14
CA PHE C 181 3.93 -42.71 -37.04
C PHE C 181 3.59 -41.99 -38.34
N ALA C 182 2.36 -41.52 -38.45
CA ALA C 182 1.90 -40.88 -39.68
C ALA C 182 0.97 -39.72 -39.33
N CYS C 183 0.91 -38.75 -40.25
CA CYS C 183 0.03 -37.60 -40.09
C CYS C 183 -1.44 -37.99 -40.15
N ALA C 184 -1.76 -39.10 -40.82
CA ALA C 184 -3.14 -39.57 -40.92
C ALA C 184 -3.55 -40.45 -39.75
N ASN C 185 -2.65 -40.65 -38.78
CA ASN C 185 -2.99 -41.41 -37.59
C ASN C 185 -4.15 -40.73 -36.86
N ALA C 186 -5.28 -41.42 -36.78
CA ALA C 186 -6.46 -40.89 -36.11
C ALA C 186 -6.13 -40.57 -34.65
N PHE C 187 -6.09 -39.29 -34.32
CA PHE C 187 -5.70 -38.87 -32.98
C PHE C 187 -6.91 -38.90 -32.06
N ASN C 188 -6.65 -38.66 -30.77
CA ASN C 188 -7.73 -38.68 -29.78
C ASN C 188 -8.71 -37.53 -30.00
N ASN C 189 -8.25 -36.42 -30.54
CA ASN C 189 -9.17 -35.32 -30.88
C ASN C 189 -10.15 -35.75 -31.95
N SER C 190 -9.64 -36.35 -33.03
CA SER C 190 -10.43 -37.02 -34.07
C SER C 190 -11.62 -36.16 -34.53
N ILE C 191 -11.30 -34.99 -35.07
CA ILE C 191 -12.33 -34.06 -35.50
C ILE C 191 -13.02 -34.55 -36.77
N ILE C 192 -12.26 -35.16 -37.68
CA ILE C 192 -12.73 -35.69 -38.95
C ILE C 192 -13.75 -34.77 -39.64
N ALA D 4 11.34 2.19 -18.41
CA ALA D 4 10.90 2.59 -17.07
C ALA D 4 11.59 1.75 -16.00
N VAL D 5 11.08 0.54 -15.77
CA VAL D 5 11.61 -0.37 -14.77
C VAL D 5 12.23 -1.56 -15.49
N THR D 6 13.52 -1.80 -15.23
CA THR D 6 14.25 -2.89 -15.84
C THR D 6 14.87 -3.76 -14.76
N GLN D 7 15.22 -4.99 -15.15
CA GLN D 7 15.81 -5.95 -14.23
C GLN D 7 17.04 -6.58 -14.85
N SER D 8 18.06 -6.84 -14.04
CA SER D 8 19.26 -7.52 -14.47
C SER D 8 19.71 -8.46 -13.36
N PRO D 9 20.12 -9.69 -13.70
CA PRO D 9 20.15 -10.29 -15.04
C PRO D 9 18.75 -10.68 -15.52
N ARG D 10 18.53 -10.74 -16.84
CA ARG D 10 17.21 -11.16 -17.34
C ARG D 10 16.98 -12.64 -17.11
N ASN D 11 18.03 -13.46 -17.15
CA ASN D 11 17.92 -14.88 -16.88
C ASN D 11 19.17 -15.34 -16.15
N LYS D 12 19.02 -16.35 -15.30
CA LYS D 12 20.10 -16.83 -14.45
C LYS D 12 19.94 -18.31 -14.21
N VAL D 13 21.04 -19.04 -14.28
CA VAL D 13 21.09 -20.47 -13.99
C VAL D 13 22.15 -20.66 -12.91
N ALA D 14 21.72 -20.87 -11.67
CA ALA D 14 22.60 -20.98 -10.52
C ALA D 14 22.68 -22.41 -10.03
N VAL D 15 23.66 -22.65 -9.15
CA VAL D 15 23.85 -23.95 -8.55
C VAL D 15 23.36 -23.88 -7.11
N THR D 16 22.98 -25.04 -6.56
CA THR D 16 22.49 -25.11 -5.19
C THR D 16 23.58 -24.71 -4.20
N GLY D 17 23.42 -23.54 -3.59
CA GLY D 17 24.43 -23.02 -2.70
C GLY D 17 25.34 -22.02 -3.39
N GLY D 18 24.75 -21.07 -4.12
CA GLY D 18 25.50 -20.06 -4.82
C GLY D 18 25.05 -18.66 -4.44
N LYS D 19 25.78 -17.68 -4.94
CA LYS D 19 25.50 -16.27 -4.68
C LYS D 19 24.79 -15.69 -5.91
N VAL D 20 23.52 -15.34 -5.75
CA VAL D 20 22.72 -14.75 -6.82
C VAL D 20 22.23 -13.38 -6.35
N THR D 21 22.56 -12.35 -7.12
CA THR D 21 22.13 -10.98 -6.82
C THR D 21 21.31 -10.48 -8.00
N LEU D 22 20.01 -10.32 -7.78
CA LEU D 22 19.09 -9.80 -8.79
C LEU D 22 18.81 -8.34 -8.47
N SER D 23 19.34 -7.44 -9.30
CA SER D 23 19.20 -6.01 -9.07
C SER D 23 18.13 -5.41 -9.95
N CYS D 24 17.57 -4.29 -9.50
CA CYS D 24 16.54 -3.57 -10.23
C CYS D 24 16.91 -2.09 -10.30
N ASN D 25 16.53 -1.45 -11.40
CA ASN D 25 16.78 -0.04 -11.62
C ASN D 25 15.52 0.61 -12.18
N GLN D 26 15.21 1.81 -11.69
CA GLN D 26 14.00 2.52 -12.09
C GLN D 26 14.35 3.92 -12.57
N THR D 27 13.59 4.41 -13.54
CA THR D 27 13.65 5.79 -13.97
C THR D 27 12.55 6.64 -13.37
N ASN D 28 11.41 6.03 -13.05
CA ASN D 28 10.34 6.74 -12.37
C ASN D 28 10.80 7.10 -10.96
N ASN D 29 10.70 8.38 -10.61
CA ASN D 29 11.20 8.85 -9.31
C ASN D 29 10.23 8.38 -8.23
N HIS D 30 10.34 7.10 -7.90
CA HIS D 30 9.48 6.45 -6.91
C HIS D 30 10.29 6.05 -5.69
N ASN D 31 9.70 6.24 -4.51
CA ASN D 31 10.36 5.87 -3.26
C ASN D 31 10.09 4.43 -2.85
N ASN D 32 9.13 3.76 -3.49
CA ASN D 32 8.74 2.40 -3.11
C ASN D 32 9.13 1.44 -4.23
N MET D 33 9.91 0.42 -3.87
CA MET D 33 10.28 -0.65 -4.80
C MET D 33 10.10 -1.98 -4.08
N TYR D 34 9.68 -3.00 -4.85
CA TYR D 34 9.27 -4.28 -4.29
C TYR D 34 9.99 -5.40 -5.01
N TRP D 35 9.83 -6.61 -4.47
CA TRP D 35 10.37 -7.81 -5.09
C TRP D 35 9.36 -8.94 -4.90
N TYR D 36 8.78 -9.40 -6.01
CA TYR D 36 7.80 -10.48 -5.99
C TYR D 36 8.39 -11.72 -6.66
N ARG D 37 7.67 -12.83 -6.51
CA ARG D 37 7.98 -14.06 -7.22
C ARG D 37 6.66 -14.71 -7.62
N GLN D 38 6.54 -15.08 -8.90
CA GLN D 38 5.30 -15.62 -9.44
C GLN D 38 5.49 -17.12 -9.66
N ASP D 39 4.74 -17.91 -8.89
CA ASP D 39 4.76 -19.37 -9.00
C ASP D 39 3.39 -19.86 -9.48
N THR D 40 3.36 -21.11 -9.93
CA THR D 40 2.18 -21.62 -10.62
C THR D 40 0.94 -21.57 -9.74
N GLY D 41 1.02 -22.18 -8.55
CA GLY D 41 -0.15 -22.25 -7.70
C GLY D 41 -0.50 -20.92 -7.06
N HIS D 42 0.49 -20.21 -6.56
CA HIS D 42 0.28 -19.00 -5.78
C HIS D 42 0.29 -17.77 -6.68
N GLY D 43 -0.33 -16.69 -6.20
CA GLY D 43 -0.26 -15.41 -6.87
C GLY D 43 1.08 -14.75 -6.63
N LEU D 44 1.15 -13.47 -7.00
CA LEU D 44 2.34 -12.69 -6.68
C LEU D 44 2.53 -12.66 -5.17
N ARG D 45 3.75 -12.95 -4.72
CA ARG D 45 4.06 -12.95 -3.30
C ARG D 45 5.27 -12.06 -3.06
N LEU D 46 5.14 -11.17 -2.09
CA LEU D 46 6.21 -10.22 -1.78
C LEU D 46 7.35 -10.92 -1.04
N ILE D 47 8.56 -10.42 -1.28
CA ILE D 47 9.76 -10.97 -0.66
C ILE D 47 10.38 -9.89 0.23
N HIS D 48 10.74 -8.77 -0.37
CA HIS D 48 11.21 -7.60 0.35
C HIS D 48 10.76 -6.36 -0.41
N TYR D 49 10.63 -5.25 0.31
CA TYR D 49 10.30 -3.97 -0.32
C TYR D 49 11.15 -2.90 0.33
N SER D 50 10.89 -1.65 -0.05
CA SER D 50 11.59 -0.53 0.56
C SER D 50 10.77 0.74 0.34
N TYR D 51 10.66 1.55 1.39
CA TYR D 51 9.95 2.82 1.32
C TYR D 51 10.89 4.01 1.15
N GLY D 52 12.17 3.78 0.93
CA GLY D 52 13.13 4.85 0.75
C GLY D 52 14.56 4.34 0.76
N ALA D 53 15.48 5.17 0.27
CA ALA D 53 16.89 4.78 0.15
C ALA D 53 17.48 4.45 1.51
N GLY D 54 17.88 3.20 1.70
CA GLY D 54 18.45 2.76 2.96
C GLY D 54 17.52 1.89 3.78
N SER D 55 16.25 2.30 3.85
CA SER D 55 15.26 1.48 4.53
C SER D 55 14.99 0.21 3.72
N THR D 56 14.93 -0.92 4.41
CA THR D 56 14.58 -2.20 3.80
C THR D 56 13.77 -2.99 4.81
N GLU D 57 12.60 -3.43 4.39
CA GLU D 57 11.73 -4.20 5.26
C GLU D 57 11.47 -5.58 4.66
N LYS D 58 10.87 -6.45 5.46
CA LYS D 58 10.57 -7.80 5.03
C LYS D 58 9.15 -7.90 4.48
N GLY D 59 8.93 -8.93 3.68
CA GLY D 59 7.61 -9.18 3.10
C GLY D 59 7.00 -10.47 3.59
N ASP D 60 6.23 -11.13 2.72
CA ASP D 60 5.57 -12.38 3.08
C ASP D 60 6.54 -13.55 3.08
N ILE D 61 7.51 -13.56 2.18
CA ILE D 61 8.47 -14.65 2.08
C ILE D 61 9.89 -14.10 2.16
N PRO D 62 10.39 -13.73 3.33
CA PRO D 62 11.80 -13.37 3.47
C PRO D 62 12.73 -14.54 3.76
N ASP D 63 12.26 -15.78 3.62
CA ASP D 63 13.04 -16.95 3.96
C ASP D 63 14.10 -17.20 2.89
N GLY D 64 15.36 -17.11 3.29
CA GLY D 64 16.47 -17.32 2.37
C GLY D 64 16.77 -16.14 1.48
N TYR D 65 16.06 -15.04 1.61
CA TYR D 65 16.22 -13.87 0.75
C TYR D 65 16.70 -12.68 1.57
N LYS D 66 17.60 -11.90 0.99
CA LYS D 66 18.05 -10.64 1.55
C LYS D 66 17.96 -9.57 0.48
N ALA D 67 17.70 -8.34 0.90
CA ALA D 67 17.59 -7.23 -0.03
C ALA D 67 18.21 -5.98 0.57
N SER D 68 18.68 -5.11 -0.32
CA SER D 68 19.31 -3.85 0.06
C SER D 68 19.01 -2.81 -1.00
N ARG D 69 18.78 -1.58 -0.55
CA ARG D 69 18.50 -0.44 -1.42
C ARG D 69 19.65 0.55 -1.33
N PRO D 70 20.72 0.36 -2.10
CA PRO D 70 21.88 1.25 -1.96
C PRO D 70 21.55 2.71 -2.29
N SER D 71 20.86 2.94 -3.39
CA SER D 71 20.43 4.26 -3.80
C SER D 71 18.91 4.28 -3.93
N GLN D 72 18.37 5.44 -4.30
CA GLN D 72 16.94 5.55 -4.53
C GLN D 72 16.49 4.67 -5.70
N GLU D 73 17.33 4.56 -6.72
CA GLU D 73 16.97 3.93 -7.98
C GLU D 73 17.24 2.43 -8.01
N ASN D 74 17.93 1.88 -7.02
CA ASN D 74 18.36 0.49 -7.06
C ASN D 74 17.92 -0.23 -5.80
N PHE D 75 17.38 -1.44 -5.97
CA PHE D 75 16.92 -2.26 -4.85
C PHE D 75 17.18 -3.72 -5.23
N SER D 76 18.33 -4.24 -4.81
CA SER D 76 18.79 -5.56 -5.23
C SER D 76 18.29 -6.63 -4.26
N LEU D 77 17.96 -7.79 -4.81
CA LEU D 77 17.58 -8.96 -4.02
C LEU D 77 18.77 -9.91 -3.98
N ILE D 78 19.31 -10.12 -2.77
CA ILE D 78 20.51 -10.93 -2.58
C ILE D 78 20.10 -12.31 -2.07
N LEU D 79 20.59 -13.35 -2.74
CA LEU D 79 20.39 -14.74 -2.34
C LEU D 79 21.74 -15.29 -1.89
N GLU D 80 21.97 -15.27 -0.57
CA GLU D 80 23.27 -15.67 -0.05
C GLU D 80 23.55 -17.14 -0.31
N LEU D 81 22.60 -18.01 0.03
CA LEU D 81 22.74 -19.45 -0.21
C LEU D 81 21.61 -19.88 -1.13
N ALA D 82 21.94 -20.13 -2.40
CA ALA D 82 20.93 -20.51 -3.37
C ALA D 82 20.44 -21.93 -3.13
N THR D 83 19.15 -22.15 -3.37
CA THR D 83 18.51 -23.44 -3.15
C THR D 83 17.40 -23.62 -4.16
N PRO D 84 17.13 -24.86 -4.59
CA PRO D 84 16.19 -25.09 -5.70
C PRO D 84 14.78 -24.56 -5.46
N SER D 85 14.39 -24.38 -4.20
CA SER D 85 13.06 -23.84 -3.90
C SER D 85 12.94 -22.35 -4.22
N GLN D 86 14.03 -21.71 -4.62
CA GLN D 86 14.01 -20.32 -5.03
C GLN D 86 13.92 -20.14 -6.54
N THR D 87 13.81 -21.24 -7.28
CA THR D 87 13.55 -21.16 -8.71
C THR D 87 12.16 -20.58 -8.96
N SER D 88 12.11 -19.41 -9.57
CA SER D 88 10.85 -18.72 -9.85
C SER D 88 11.14 -17.55 -10.78
N VAL D 89 10.08 -16.98 -11.33
CA VAL D 89 10.17 -15.74 -12.09
C VAL D 89 9.94 -14.59 -11.12
N TYR D 90 10.94 -13.72 -10.99
CA TYR D 90 10.90 -12.61 -10.05
C TYR D 90 10.55 -11.33 -10.78
N PHE D 91 9.72 -10.49 -10.14
CA PHE D 91 9.28 -9.24 -10.72
C PHE D 91 9.59 -8.09 -9.77
N CYS D 92 10.14 -7.02 -10.32
CA CYS D 92 10.43 -5.79 -9.58
C CYS D 92 9.37 -4.76 -9.89
N ALA D 93 8.92 -4.03 -8.87
CA ALA D 93 7.84 -3.07 -9.01
C ALA D 93 8.26 -1.73 -8.44
N SER D 94 7.44 -0.72 -8.72
CA SER D 94 7.64 0.63 -8.21
C SER D 94 6.29 1.26 -7.90
N GLY D 95 6.31 2.25 -7.01
CA GLY D 95 5.09 2.94 -6.63
C GLY D 95 5.34 4.28 -5.99
N ASP D 96 4.59 5.29 -6.40
CA ASP D 96 4.75 6.63 -5.85
C ASP D 96 4.16 6.68 -4.44
N ALA D 97 4.99 7.03 -3.46
CA ALA D 97 4.54 7.10 -2.08
C ALA D 97 3.78 8.38 -1.77
N LYS D 98 3.74 9.33 -2.71
CA LYS D 98 2.96 10.55 -2.53
C LYS D 98 1.47 10.32 -2.73
N LEU D 99 1.08 9.28 -3.47
CA LEU D 99 -0.33 8.96 -3.68
C LEU D 99 -0.88 8.16 -2.50
N GLY D 100 -0.64 8.64 -1.29
CA GLY D 100 -1.03 7.87 -0.13
C GLY D 100 -0.38 6.49 -0.14
N VAL D 101 -0.99 5.58 0.62
CA VAL D 101 -0.56 4.18 0.65
C VAL D 101 -1.60 3.25 0.06
N GLY D 102 -2.77 3.76 -0.32
CA GLY D 102 -3.84 2.91 -0.83
C GLY D 102 -4.03 2.97 -2.33
N ALA D 103 -3.86 4.16 -2.92
CA ALA D 103 -4.06 4.35 -4.34
C ALA D 103 -2.80 4.07 -5.16
N GLU D 104 -1.89 3.27 -4.63
CA GLU D 104 -0.61 3.05 -5.29
C GLU D 104 -0.77 2.16 -6.52
N THR D 105 -0.23 2.61 -7.65
CA THR D 105 -0.23 1.85 -8.89
C THR D 105 1.17 1.27 -9.10
N LEU D 106 1.30 -0.04 -8.92
CA LEU D 106 2.59 -0.69 -9.04
C LEU D 106 2.99 -0.82 -10.50
N TYR D 107 4.18 -0.30 -10.83
CA TYR D 107 4.75 -0.40 -12.17
C TYR D 107 5.78 -1.52 -12.16
N PHE D 108 5.42 -2.65 -12.76
CA PHE D 108 6.27 -3.83 -12.75
C PHE D 108 7.33 -3.77 -13.84
N GLY D 109 8.53 -4.20 -13.49
CA GLY D 109 9.54 -4.51 -14.48
C GLY D 109 9.35 -5.91 -15.04
N SER D 110 10.12 -6.20 -16.08
CA SER D 110 9.99 -7.50 -16.74
C SER D 110 10.61 -8.61 -15.87
N GLY D 111 10.30 -9.85 -16.24
CA GLY D 111 10.61 -10.98 -15.40
C GLY D 111 12.10 -11.30 -15.36
N THR D 112 12.44 -12.16 -14.40
CA THR D 112 13.79 -12.70 -14.25
C THR D 112 13.65 -14.19 -13.96
N ARG D 113 13.87 -15.01 -14.97
CA ARG D 113 13.72 -16.46 -14.85
C ARG D 113 14.97 -17.01 -14.18
N LEU D 114 14.85 -17.38 -12.91
CA LEU D 114 15.93 -17.97 -12.14
C LEU D 114 15.69 -19.48 -12.01
N THR D 115 16.78 -20.25 -12.14
CA THR D 115 16.72 -21.70 -12.03
C THR D 115 17.92 -22.15 -11.21
N VAL D 116 17.66 -22.84 -10.09
CA VAL D 116 18.70 -23.34 -9.20
C VAL D 116 18.77 -24.85 -9.36
N LEU D 117 19.91 -25.35 -9.81
CA LEU D 117 20.10 -26.76 -10.11
C LEU D 117 21.14 -27.37 -9.19
N GLU D 118 21.03 -28.68 -8.99
CA GLU D 118 22.01 -29.40 -8.19
C GLU D 118 23.34 -29.52 -8.94
N ASP D 119 23.29 -29.98 -10.19
CA ASP D 119 24.47 -30.11 -11.03
C ASP D 119 24.22 -29.40 -12.35
N LEU D 120 25.17 -28.57 -12.77
CA LEU D 120 25.02 -27.82 -14.01
C LEU D 120 25.21 -28.68 -15.26
N ASN D 121 25.54 -29.96 -15.10
CA ASN D 121 25.73 -30.84 -16.24
C ASN D 121 24.44 -31.08 -17.01
N LYS D 122 23.28 -30.80 -16.42
CA LYS D 122 22.01 -30.99 -17.10
C LYS D 122 21.65 -29.85 -18.04
N VAL D 123 22.40 -28.76 -18.03
CA VAL D 123 22.11 -27.61 -18.88
C VAL D 123 22.42 -27.99 -20.33
N PHE D 124 21.38 -28.13 -21.15
CA PHE D 124 21.56 -28.48 -22.55
C PHE D 124 21.10 -27.35 -23.46
N PRO D 125 21.87 -27.03 -24.50
CA PRO D 125 21.42 -26.03 -25.48
C PRO D 125 20.43 -26.64 -26.45
N PRO D 126 19.58 -25.81 -27.06
CA PRO D 126 18.57 -26.34 -27.99
C PRO D 126 19.18 -26.75 -29.33
N GLU D 127 18.42 -27.55 -30.07
CA GLU D 127 18.74 -27.94 -31.43
C GLU D 127 17.60 -27.51 -32.33
N VAL D 128 17.89 -26.59 -33.26
CA VAL D 128 16.87 -26.00 -34.11
C VAL D 128 16.75 -26.81 -35.40
N ALA D 129 15.52 -27.11 -35.79
CA ALA D 129 15.23 -27.79 -37.05
C ALA D 129 14.10 -27.04 -37.74
N VAL D 130 14.34 -26.60 -38.97
CA VAL D 130 13.37 -25.87 -39.76
C VAL D 130 12.82 -26.79 -40.84
N PHE D 131 11.50 -26.87 -40.93
CA PHE D 131 10.82 -27.80 -41.83
C PHE D 131 10.23 -27.05 -43.01
N GLU D 132 10.50 -27.56 -44.21
CA GLU D 132 9.93 -26.97 -45.41
C GLU D 132 8.45 -27.30 -45.52
N PRO D 133 7.68 -26.46 -46.20
CA PRO D 133 6.22 -26.67 -46.30
C PRO D 133 5.85 -27.91 -47.11
N SER D 134 4.55 -28.16 -47.19
CA SER D 134 4.01 -29.26 -47.96
C SER D 134 3.44 -28.74 -49.27
N GLU D 135 3.67 -29.49 -50.36
CA GLU D 135 3.07 -29.14 -51.63
C GLU D 135 1.55 -29.24 -51.56
N ALA D 136 1.02 -30.13 -50.71
CA ALA D 136 -0.42 -30.22 -50.53
C ALA D 136 -1.00 -28.94 -49.94
N GLU D 137 -0.21 -28.20 -49.18
CA GLU D 137 -0.68 -26.92 -48.64
C GLU D 137 -0.74 -25.87 -49.75
N ILE D 138 0.32 -25.78 -50.56
CA ILE D 138 0.39 -24.74 -51.58
C ILE D 138 -0.70 -24.93 -52.62
N SER D 139 -0.97 -26.18 -53.02
CA SER D 139 -2.03 -26.43 -53.98
C SER D 139 -3.41 -26.20 -53.37
N HIS D 140 -3.54 -26.41 -52.06
CA HIS D 140 -4.82 -26.30 -51.37
C HIS D 140 -5.04 -24.90 -50.81
N THR D 141 -4.16 -24.46 -49.91
CA THR D 141 -4.32 -23.19 -49.23
C THR D 141 -3.68 -22.03 -49.98
N GLN D 142 -2.64 -22.31 -50.77
CA GLN D 142 -1.75 -21.31 -51.37
C GLN D 142 -1.01 -20.49 -50.32
N LYS D 143 -0.89 -21.04 -49.10
CA LYS D 143 -0.10 -20.46 -48.03
C LYS D 143 0.82 -21.54 -47.48
N ALA D 144 2.08 -21.18 -47.23
CA ALA D 144 3.10 -22.19 -46.95
C ALA D 144 2.95 -22.80 -45.56
N THR D 145 2.82 -21.97 -44.52
CA THR D 145 2.80 -22.46 -43.14
C THR D 145 4.00 -23.35 -42.81
N LEU D 146 5.19 -22.75 -42.79
CA LEU D 146 6.42 -23.38 -42.34
C LEU D 146 6.37 -23.66 -40.85
N VAL D 147 7.30 -24.48 -40.37
CA VAL D 147 7.34 -24.87 -38.96
C VAL D 147 8.78 -25.04 -38.53
N CYS D 148 9.09 -24.56 -37.33
CA CYS D 148 10.41 -24.68 -36.73
C CYS D 148 10.31 -25.37 -35.37
N LEU D 149 11.19 -26.34 -35.14
CA LEU D 149 11.23 -27.09 -33.89
C LEU D 149 12.58 -26.91 -33.22
N ALA D 150 12.56 -26.50 -31.95
CA ALA D 150 13.75 -26.40 -31.12
C ALA D 150 13.61 -27.40 -29.98
N THR D 151 14.40 -28.47 -30.02
CA THR D 151 14.23 -29.61 -29.15
C THR D 151 15.48 -29.86 -28.31
N GLY D 152 15.27 -30.25 -27.06
CA GLY D 152 16.34 -30.74 -26.22
C GLY D 152 17.14 -29.70 -25.47
N PHE D 153 16.47 -28.64 -24.98
CA PHE D 153 17.14 -27.60 -24.22
C PHE D 153 16.66 -27.60 -22.77
N PHE D 154 17.57 -27.22 -21.87
CA PHE D 154 17.23 -27.10 -20.47
C PHE D 154 18.15 -26.06 -19.82
N PRO D 155 17.60 -25.14 -19.02
CA PRO D 155 16.19 -24.95 -18.69
C PRO D 155 15.41 -24.31 -19.82
N ASP D 156 14.18 -23.84 -19.56
CA ASP D 156 13.33 -23.28 -20.61
C ASP D 156 13.62 -21.81 -20.87
N HIS D 157 14.82 -21.33 -20.53
CA HIS D 157 15.19 -19.93 -20.73
C HIS D 157 15.59 -19.71 -22.20
N VAL D 158 14.59 -19.79 -23.07
CA VAL D 158 14.79 -19.61 -24.51
C VAL D 158 13.77 -18.62 -25.05
N GLU D 159 14.04 -18.13 -26.25
CA GLU D 159 13.15 -17.21 -26.94
C GLU D 159 13.28 -17.45 -28.44
N LEU D 160 12.21 -17.96 -29.05
CA LEU D 160 12.20 -18.21 -30.49
C LEU D 160 11.77 -16.96 -31.23
N SER D 161 12.42 -16.71 -32.38
CA SER D 161 12.09 -15.56 -33.21
C SER D 161 12.44 -15.90 -34.66
N TRP D 162 11.59 -15.44 -35.58
CA TRP D 162 11.80 -15.65 -37.01
C TRP D 162 12.45 -14.42 -37.62
N TRP D 163 13.39 -14.65 -38.53
CA TRP D 163 14.11 -13.58 -39.22
C TRP D 163 14.08 -13.89 -40.72
N VAL D 164 13.14 -13.29 -41.44
CA VAL D 164 12.98 -13.51 -42.86
C VAL D 164 13.66 -12.36 -43.61
N ASN D 165 14.70 -12.69 -44.37
CA ASN D 165 15.46 -11.71 -45.16
C ASN D 165 15.98 -10.57 -44.29
N GLY D 166 16.49 -10.91 -43.10
CA GLY D 166 17.08 -9.94 -42.21
C GLY D 166 16.13 -9.17 -41.33
N LYS D 167 14.82 -9.32 -41.54
CA LYS D 167 13.81 -8.61 -40.75
C LYS D 167 13.05 -9.61 -39.87
N GLU D 168 12.84 -9.23 -38.62
CA GLU D 168 12.12 -10.08 -37.67
C GLU D 168 10.63 -9.95 -37.95
N VAL D 169 10.06 -10.97 -38.61
CA VAL D 169 8.65 -10.96 -38.96
C VAL D 169 7.82 -11.35 -37.74
N HIS D 170 6.66 -10.72 -37.58
CA HIS D 170 5.75 -11.02 -36.50
C HIS D 170 4.32 -11.18 -36.97
N SER D 171 4.11 -11.32 -38.29
CA SER D 171 2.75 -11.37 -38.82
C SER D 171 2.12 -12.74 -38.64
N GLY D 172 2.68 -13.77 -39.29
CA GLY D 172 2.08 -15.09 -39.25
C GLY D 172 2.76 -16.02 -38.27
N VAL D 173 3.32 -15.47 -37.20
CA VAL D 173 4.08 -16.24 -36.23
C VAL D 173 3.21 -16.46 -34.99
N CYS D 174 2.97 -17.73 -34.65
CA CYS D 174 2.32 -18.10 -33.40
C CYS D 174 3.18 -19.17 -32.74
N THR D 175 4.21 -18.73 -32.02
CA THR D 175 5.05 -19.64 -31.27
C THR D 175 4.30 -20.15 -30.04
N ASP D 176 4.54 -21.41 -29.70
CA ASP D 176 3.89 -22.00 -28.54
C ASP D 176 4.25 -21.22 -27.29
N PRO D 177 3.28 -20.87 -26.43
CA PRO D 177 3.59 -20.02 -25.27
C PRO D 177 4.32 -20.79 -24.17
N GLN D 178 3.94 -22.05 -23.98
CA GLN D 178 4.56 -22.90 -22.98
C GLN D 178 5.28 -24.06 -23.67
N PRO D 179 6.56 -24.25 -23.40
CA PRO D 179 7.30 -25.34 -24.05
C PRO D 179 6.96 -26.68 -23.43
N LEU D 180 6.55 -27.63 -24.28
CA LEU D 180 6.23 -28.97 -23.79
C LEU D 180 7.47 -29.64 -23.23
N LYS D 181 7.33 -30.24 -22.05
CA LYS D 181 8.41 -31.04 -21.49
C LYS D 181 8.60 -32.29 -22.32
N GLU D 182 9.86 -32.69 -22.53
CA GLU D 182 10.11 -33.89 -23.33
C GLU D 182 9.49 -35.12 -22.68
N GLN D 183 9.71 -35.27 -21.38
CA GLN D 183 9.11 -36.32 -20.63
C GLN D 183 9.08 -35.79 -19.20
N PRO D 184 7.94 -35.91 -18.51
CA PRO D 184 7.79 -35.33 -17.16
C PRO D 184 8.56 -36.07 -16.08
N ALA D 185 9.84 -35.71 -15.95
CA ALA D 185 10.69 -36.21 -14.88
C ALA D 185 11.63 -35.07 -14.49
N LEU D 186 11.18 -34.19 -13.59
CA LEU D 186 11.98 -33.14 -12.97
C LEU D 186 12.63 -32.28 -14.04
N ASN D 187 13.97 -32.24 -14.15
CA ASN D 187 14.63 -31.53 -15.23
C ASN D 187 14.38 -32.28 -16.53
N ASP D 188 13.51 -31.75 -17.39
CA ASP D 188 12.88 -32.57 -18.42
C ASP D 188 13.19 -32.16 -19.86
N SER D 189 14.12 -31.24 -20.11
CA SER D 189 14.64 -30.97 -21.45
C SER D 189 13.51 -30.64 -22.44
N TYR D 190 12.85 -29.51 -22.19
CA TYR D 190 11.66 -29.13 -22.95
C TYR D 190 11.97 -28.89 -24.42
N ALA D 191 10.92 -28.98 -25.24
CA ALA D 191 10.98 -28.64 -26.65
C ALA D 191 9.85 -27.69 -26.99
N LEU D 192 10.09 -26.77 -27.92
CA LEU D 192 9.11 -25.75 -28.28
C LEU D 192 8.90 -25.74 -29.79
N SER D 193 7.67 -25.40 -30.19
CA SER D 193 7.28 -25.37 -31.59
C SER D 193 6.78 -23.98 -31.95
N SER D 194 6.88 -23.66 -33.24
CA SER D 194 6.42 -22.37 -33.77
C SER D 194 6.09 -22.52 -35.24
N ARG D 195 5.04 -21.83 -35.69
CA ARG D 195 4.56 -21.91 -37.06
C ARG D 195 4.63 -20.54 -37.72
N LEU D 196 5.08 -20.52 -38.97
CA LEU D 196 5.13 -19.32 -39.79
C LEU D 196 4.38 -19.61 -41.09
N ARG D 197 3.35 -18.81 -41.37
CA ARG D 197 2.41 -19.09 -42.47
C ARG D 197 2.43 -17.93 -43.47
N VAL D 198 3.29 -18.04 -44.47
CA VAL D 198 3.40 -17.04 -45.52
C VAL D 198 2.66 -17.53 -46.76
N SER D 199 2.33 -16.59 -47.63
CA SER D 199 1.69 -16.92 -48.90
C SER D 199 2.63 -17.74 -49.78
N ALA D 200 2.05 -18.62 -50.59
CA ALA D 200 2.83 -19.45 -51.49
C ALA D 200 3.68 -18.61 -52.44
N THR D 201 3.19 -17.44 -52.83
CA THR D 201 3.98 -16.55 -53.68
C THR D 201 5.27 -16.14 -52.99
N PHE D 202 5.20 -15.84 -51.69
CA PHE D 202 6.41 -15.59 -50.91
C PHE D 202 7.30 -16.82 -50.86
N TRP D 203 6.74 -18.01 -51.06
CA TRP D 203 7.52 -19.23 -51.08
C TRP D 203 8.06 -19.57 -52.47
N GLN D 204 7.34 -19.18 -53.52
CA GLN D 204 7.77 -19.49 -54.87
C GLN D 204 9.10 -18.82 -55.20
N ASN D 205 9.26 -17.56 -54.83
CA ASN D 205 10.49 -16.84 -55.13
C ASN D 205 11.65 -17.45 -54.36
N PRO D 206 12.70 -17.94 -55.02
CA PRO D 206 13.83 -18.52 -54.31
C PRO D 206 14.74 -17.50 -53.63
N ARG D 207 14.44 -16.21 -53.75
CA ARG D 207 15.23 -15.16 -53.13
C ARG D 207 14.81 -14.86 -51.70
N ASN D 208 13.63 -15.33 -51.28
CA ASN D 208 13.17 -15.09 -49.91
C ASN D 208 13.92 -16.01 -48.96
N HIS D 209 14.63 -15.42 -48.00
CA HIS D 209 15.45 -16.15 -47.06
C HIS D 209 14.70 -16.28 -45.73
N PHE D 210 14.52 -17.51 -45.27
CA PHE D 210 13.78 -17.80 -44.06
C PHE D 210 14.73 -18.34 -42.99
N ARG D 211 14.48 -17.97 -41.74
CA ARG D 211 15.35 -18.38 -40.65
C ARG D 211 14.54 -18.45 -39.36
N CYS D 212 14.94 -19.37 -38.49
CA CYS D 212 14.32 -19.55 -37.18
C CYS D 212 15.40 -19.39 -36.12
N GLN D 213 15.37 -18.27 -35.40
CA GLN D 213 16.39 -17.93 -34.42
C GLN D 213 15.86 -18.25 -33.02
N VAL D 214 16.63 -19.03 -32.27
CA VAL D 214 16.29 -19.38 -30.89
C VAL D 214 17.43 -18.90 -30.01
N GLN D 215 17.17 -17.88 -29.18
CA GLN D 215 18.13 -17.41 -28.21
C GLN D 215 18.03 -18.25 -26.95
N PHE D 216 19.17 -18.77 -26.49
CA PHE D 216 19.21 -19.63 -25.31
C PHE D 216 20.00 -18.92 -24.21
N TYR D 217 19.38 -18.79 -23.03
CA TYR D 217 20.02 -18.18 -21.88
C TYR D 217 20.47 -19.30 -20.95
N GLY D 218 21.77 -19.60 -20.97
CA GLY D 218 22.29 -20.69 -20.17
C GLY D 218 23.34 -20.27 -19.16
N LEU D 219 24.45 -21.00 -19.13
CA LEU D 219 25.51 -20.72 -18.16
C LEU D 219 26.35 -19.53 -18.62
N SER D 220 26.64 -18.63 -17.68
CA SER D 220 27.48 -17.49 -17.99
C SER D 220 28.93 -17.95 -18.17
N GLU D 221 29.74 -17.07 -18.77
CA GLU D 221 31.16 -17.37 -18.96
C GLU D 221 31.89 -17.55 -17.64
N ASN D 222 31.39 -16.94 -16.57
CA ASN D 222 32.00 -17.09 -15.25
C ASN D 222 31.42 -18.31 -14.53
N ASP D 223 31.53 -19.46 -15.20
CA ASP D 223 31.08 -20.73 -14.64
C ASP D 223 32.18 -21.78 -14.74
N GLU D 224 31.87 -23.03 -14.45
CA GLU D 224 32.85 -24.12 -14.47
C GLU D 224 32.28 -25.27 -15.29
N TRP D 225 32.86 -25.52 -16.45
CA TRP D 225 32.49 -26.63 -17.33
C TRP D 225 33.73 -27.39 -17.77
N THR D 226 34.55 -27.80 -16.79
CA THR D 226 35.78 -28.54 -17.08
C THR D 226 35.51 -29.94 -17.62
N GLN D 227 34.25 -30.39 -17.66
CA GLN D 227 33.91 -31.71 -18.16
C GLN D 227 33.54 -31.61 -19.64
N ASP D 228 34.30 -32.31 -20.49
CA ASP D 228 34.10 -32.30 -21.94
C ASP D 228 34.13 -30.87 -22.49
N ALA D 230 31.85 -29.02 -23.74
CA ALA D 230 30.61 -28.65 -24.42
C ALA D 230 30.33 -27.17 -24.23
N LYS D 231 30.42 -26.71 -22.97
CA LYS D 231 30.21 -25.32 -22.58
C LYS D 231 28.85 -24.81 -23.07
N PRO D 232 27.74 -25.25 -22.47
CA PRO D 232 26.43 -24.74 -22.90
C PRO D 232 26.18 -23.32 -22.41
N VAL D 233 26.91 -22.36 -22.98
CA VAL D 233 26.81 -20.96 -22.59
C VAL D 233 25.69 -20.29 -23.37
N THR D 234 25.30 -19.09 -22.95
CA THR D 234 24.29 -18.30 -23.67
C THR D 234 24.69 -18.12 -25.13
N GLN D 235 23.91 -18.68 -26.04
CA GLN D 235 24.23 -18.64 -27.46
C GLN D 235 22.94 -18.56 -28.26
N ILE D 236 23.09 -18.23 -29.54
CA ILE D 236 21.97 -18.17 -30.48
C ILE D 236 22.16 -19.29 -31.49
N VAL D 237 21.14 -20.13 -31.64
CA VAL D 237 21.14 -21.22 -32.60
C VAL D 237 20.01 -20.99 -33.60
N SER D 238 20.31 -21.17 -34.87
CA SER D 238 19.35 -20.96 -35.94
C SER D 238 19.57 -21.98 -37.04
N ALA D 239 18.48 -22.27 -37.77
CA ALA D 239 18.54 -23.07 -38.97
C ALA D 239 17.90 -22.27 -40.10
N GLU D 240 18.59 -22.17 -41.23
CA GLU D 240 18.16 -21.30 -42.32
C GLU D 240 17.18 -22.02 -43.23
N ALA D 241 16.60 -21.25 -44.16
CA ALA D 241 15.68 -21.79 -45.14
C ALA D 241 15.58 -20.82 -46.32
N TRP D 242 15.37 -21.37 -47.51
CA TRP D 242 15.22 -20.59 -48.73
C TRP D 242 13.99 -21.06 -49.50
N GLY D 243 13.53 -20.21 -50.41
CA GLY D 243 12.34 -20.51 -51.17
C GLY D 243 12.57 -21.56 -52.24
N ARG D 244 11.47 -22.02 -52.82
CA ARG D 244 11.50 -23.06 -53.86
C ARG D 244 10.36 -22.87 -54.85
#